data_9F2I
#
_entry.id   9F2I
#
_cell.length_a   93.523
_cell.length_b   45.935
_cell.length_c   110.012
_cell.angle_alpha   90.00
_cell.angle_beta   93.79
_cell.angle_gamma   90.00
#
_symmetry.space_group_name_H-M   'P 1 21 1'
#
loop_
_entity.id
_entity.type
_entity.pdbx_description
1 polymer Nucleoprotein
2 non-polymer 2-amino-1,3-benzothiazol-6-ol
3 non-polymer 'SULFATE ION'
4 non-polymer 1,2-ETHANEDIOL
5 water water
#
_entity_poly.entity_id   1
_entity_poly.type   'polypeptide(L)'
_entity_poly.pdbx_seq_one_letter_code
;GSKKPRQKRTATKAYNVTQAFGRRGPEQTQGNFGDQELIRQGTDYKHWPQIAQFAPSASAFFGMSRIGMEVTPSGTWLTY
TGAIKLDDKDPNFKDQVILLNKHIDAYKTFP
;
_entity_poly.pdbx_strand_id   A,B,C,D,E,F,G,H
#
loop_
_chem_comp.id
_chem_comp.type
_chem_comp.name
_chem_comp.formula
A1H88 non-polymer 2-amino-1,3-benzothiazol-6-ol 'C7 H6 N2 O S'
EDO non-polymer 1,2-ETHANEDIOL 'C2 H6 O2'
SO4 non-polymer 'SULFATE ION' 'O4 S -2'
#
# COMPACT_ATOMS: atom_id res chain seq x y z
N LYS A 3 -13.62 -8.53 -10.53
CA LYS A 3 -12.79 -7.62 -9.67
C LYS A 3 -12.98 -6.19 -10.15
N LYS A 4 -13.79 -5.41 -9.41
CA LYS A 4 -13.95 -4.00 -9.72
C LYS A 4 -12.69 -3.27 -9.28
N PRO A 5 -12.17 -2.32 -10.08
CA PRO A 5 -11.00 -1.54 -9.67
C PRO A 5 -11.23 -0.67 -8.45
N ARG A 6 -10.13 -0.25 -7.81
CA ARG A 6 -10.19 0.45 -6.52
C ARG A 6 -11.07 1.71 -6.59
N GLN A 7 -10.97 2.50 -7.66
CA GLN A 7 -11.70 3.74 -7.81
C GLN A 7 -13.22 3.54 -7.89
N LYS A 8 -13.70 2.30 -8.13
CA LYS A 8 -15.12 2.03 -8.20
C LYS A 8 -15.66 1.39 -6.91
N ARG A 9 -14.79 1.19 -5.91
CA ARG A 9 -15.25 0.61 -4.65
C ARG A 9 -16.08 1.61 -3.84
N THR A 10 -16.95 1.05 -2.96
CA THR A 10 -17.72 1.80 -2.00
C THR A 10 -17.48 1.20 -0.62
N ALA A 11 -16.99 2.02 0.32
CA ALA A 11 -16.75 1.57 1.69
C ALA A 11 -18.06 1.59 2.49
N THR A 12 -18.21 0.55 3.34
CA THR A 12 -19.33 0.41 4.27
C THR A 12 -18.82 -0.22 5.57
N LYS A 13 -19.72 -0.45 6.54
CA LYS A 13 -19.34 -1.09 7.80
C LYS A 13 -18.70 -2.47 7.61
N ALA A 14 -19.08 -3.21 6.55
CA ALA A 14 -18.59 -4.57 6.36
C ALA A 14 -17.35 -4.63 5.47
N TYR A 15 -16.99 -3.50 4.84
CA TYR A 15 -15.83 -3.42 3.94
C TYR A 15 -15.37 -1.97 3.99
N ASN A 16 -14.47 -1.64 4.92
CA ASN A 16 -14.35 -0.26 5.40
C ASN A 16 -13.33 0.53 4.59
N VAL A 17 -13.13 1.79 5.00
CA VAL A 17 -12.26 2.68 4.23
C VAL A 17 -10.84 2.12 4.16
N THR A 18 -10.35 1.56 5.28
CA THR A 18 -8.99 1.02 5.30
C THR A 18 -8.88 -0.18 4.35
N GLN A 19 -9.87 -1.06 4.38
CA GLN A 19 -9.85 -2.23 3.52
C GLN A 19 -9.92 -1.85 2.04
N ALA A 20 -10.78 -0.88 1.71
CA ALA A 20 -11.00 -0.51 0.31
C ALA A 20 -9.88 0.37 -0.25
N PHE A 21 -9.34 1.28 0.58
CA PHE A 21 -8.55 2.41 0.10
C PHE A 21 -7.22 2.56 0.87
N GLY A 22 -6.89 1.63 1.75
CA GLY A 22 -5.65 1.67 2.52
C GLY A 22 -5.71 2.54 3.77
N ARG A 23 -4.69 2.38 4.62
CA ARG A 23 -4.48 3.21 5.80
C ARG A 23 -4.39 4.69 5.42
N ARG A 24 -4.93 5.53 6.31
CA ARG A 24 -4.76 6.99 6.21
C ARG A 24 -3.29 7.33 6.49
N GLY A 25 -2.74 8.32 5.76
CA GLY A 25 -1.37 8.76 5.99
C GLY A 25 -0.99 9.96 5.15
N PRO A 26 0.29 10.44 5.24
CA PRO A 26 0.74 11.65 4.55
C PRO A 26 1.36 11.48 3.17
N GLU A 27 1.62 10.22 2.76
CA GLU A 27 2.39 9.98 1.56
C GLU A 27 1.54 10.16 0.30
N GLN A 28 2.23 10.30 -0.82
CA GLN A 28 1.63 10.74 -2.06
C GLN A 28 0.49 9.81 -2.48
N THR A 29 0.67 8.50 -2.26
CA THR A 29 -0.24 7.45 -2.71
C THR A 29 -1.33 7.15 -1.68
N GLN A 30 -1.26 7.77 -0.48
CA GLN A 30 -2.21 7.51 0.59
C GLN A 30 -3.31 8.58 0.58
N GLY A 31 -4.52 8.20 0.97
CA GLY A 31 -5.53 9.15 1.37
C GLY A 31 -5.31 9.66 2.78
N ASN A 32 -5.68 10.92 3.05
CA ASN A 32 -5.50 11.52 4.38
C ASN A 32 -6.82 11.82 5.08
N PHE A 33 -7.96 11.46 4.46
CA PHE A 33 -9.26 11.92 4.94
C PHE A 33 -10.00 10.83 5.73
N GLY A 34 -10.44 11.18 6.94
CA GLY A 34 -11.38 10.41 7.74
C GLY A 34 -10.90 10.19 9.17
N ASP A 35 -11.81 10.44 10.11
CA ASP A 35 -11.56 10.11 11.52
C ASP A 35 -11.93 8.64 11.74
N GLN A 36 -11.80 8.14 12.98
CA GLN A 36 -11.99 6.71 13.19
C GLN A 36 -13.41 6.26 12.88
N GLU A 37 -14.41 7.09 13.14
CA GLU A 37 -15.81 6.79 12.89
C GLU A 37 -16.07 6.66 11.37
N LEU A 38 -15.58 7.62 10.57
CA LEU A 38 -15.81 7.52 9.14
C LEU A 38 -15.02 6.34 8.57
N ILE A 39 -13.80 6.09 9.04
CA ILE A 39 -13.03 4.99 8.50
C ILE A 39 -13.77 3.67 8.71
N ARG A 40 -14.36 3.47 9.90
CA ARG A 40 -15.03 2.22 10.23
C ARG A 40 -16.36 2.06 9.49
N GLN A 41 -17.01 3.16 9.10
CA GLN A 41 -18.40 3.12 8.65
C GLN A 41 -18.55 3.40 7.16
N GLY A 42 -17.62 4.16 6.55
CA GLY A 42 -17.75 4.51 5.15
C GLY A 42 -19.06 5.25 4.88
N THR A 43 -19.77 4.82 3.83
CA THR A 43 -21.02 5.45 3.44
C THR A 43 -22.16 5.23 4.46
N ASP A 44 -21.93 4.39 5.48
CA ASP A 44 -22.87 4.29 6.59
C ASP A 44 -22.68 5.37 7.66
N TYR A 45 -21.62 6.19 7.53
CA TYR A 45 -21.34 7.27 8.48
C TYR A 45 -22.50 8.28 8.52
N LYS A 46 -22.86 8.74 9.72
CA LYS A 46 -24.06 9.55 9.95
C LYS A 46 -24.09 10.81 9.09
N HIS A 47 -22.93 11.38 8.78
CA HIS A 47 -22.88 12.62 8.01
C HIS A 47 -22.30 12.40 6.62
N TRP A 48 -22.37 11.16 6.11
CA TRP A 48 -21.78 10.87 4.81
C TRP A 48 -22.41 11.74 3.72
N PRO A 49 -23.75 11.90 3.63
CA PRO A 49 -24.31 12.73 2.56
C PRO A 49 -23.78 14.17 2.53
N GLN A 50 -23.46 14.73 3.70
CA GLN A 50 -22.95 16.10 3.82
C GLN A 50 -21.51 16.17 3.28
N ILE A 51 -20.79 15.05 3.24
CA ILE A 51 -19.45 14.99 2.65
C ILE A 51 -19.59 14.75 1.14
N ALA A 52 -20.45 13.81 0.74
CA ALA A 52 -20.55 13.38 -0.65
C ALA A 52 -21.05 14.52 -1.54
N GLN A 53 -21.71 15.53 -0.99
CA GLN A 53 -22.17 16.67 -1.79
C GLN A 53 -20.98 17.33 -2.48
N PHE A 54 -19.76 17.14 -1.96
CA PHE A 54 -18.55 17.74 -2.51
C PHE A 54 -17.80 16.83 -3.48
N ALA A 55 -18.17 15.54 -3.58
CA ALA A 55 -17.52 14.62 -4.52
C ALA A 55 -17.98 14.88 -5.95
N PRO A 56 -17.06 14.83 -6.94
CA PRO A 56 -17.43 15.16 -8.33
C PRO A 56 -18.10 14.00 -9.06
N SER A 57 -19.04 14.33 -9.97
CA SER A 57 -19.50 13.40 -10.99
C SER A 57 -18.35 12.98 -11.90
N ALA A 58 -18.49 11.89 -12.65
CA ALA A 58 -17.44 11.48 -13.58
C ALA A 58 -17.14 12.61 -14.58
N SER A 59 -18.21 13.27 -15.06
CA SER A 59 -18.09 14.36 -16.03
C SER A 59 -17.28 15.50 -15.41
N ALA A 60 -17.56 15.86 -14.15
CA ALA A 60 -16.87 16.95 -13.49
C ALA A 60 -15.43 16.60 -13.12
N PHE A 61 -15.23 15.35 -12.73
CA PHE A 61 -13.88 14.86 -12.41
C PHE A 61 -12.96 15.11 -13.60
N PHE A 62 -13.42 14.75 -14.82
CA PHE A 62 -12.62 14.96 -16.02
C PHE A 62 -12.75 16.37 -16.59
N GLY A 63 -13.74 17.14 -16.15
CA GLY A 63 -14.00 18.48 -16.67
C GLY A 63 -13.34 19.62 -15.89
N MET A 64 -13.26 19.48 -14.56
N MET A 64 -13.24 19.48 -14.56
CA MET A 64 -12.75 20.50 -13.65
CA MET A 64 -12.73 20.52 -13.67
C MET A 64 -11.27 20.30 -13.30
C MET A 64 -11.25 20.32 -13.31
N SER A 65 -10.73 19.09 -13.45
CA SER A 65 -9.44 18.73 -12.86
C SER A 65 -8.33 19.00 -13.87
N ARG A 66 -7.11 19.15 -13.37
CA ARG A 66 -5.90 19.00 -14.17
C ARG A 66 -5.51 17.52 -14.17
N ILE A 67 -5.53 16.90 -15.34
CA ILE A 67 -5.27 15.49 -15.53
C ILE A 67 -3.88 15.32 -16.14
N GLY A 68 -3.16 14.27 -15.72
CA GLY A 68 -1.88 13.91 -16.31
C GLY A 68 -1.66 12.40 -16.27
N MET A 69 -0.59 11.96 -16.92
N MET A 69 -0.57 11.95 -16.91
CA MET A 69 -0.19 10.56 -16.91
CA MET A 69 -0.19 10.55 -16.94
C MET A 69 1.27 10.48 -16.50
C MET A 69 1.27 10.44 -16.52
N GLU A 70 1.56 9.59 -15.52
CA GLU A 70 2.92 9.37 -15.05
CA GLU A 70 2.92 9.39 -15.03
C GLU A 70 3.21 7.88 -15.02
N VAL A 71 4.45 7.50 -15.35
CA VAL A 71 4.87 6.11 -15.28
C VAL A 71 6.02 6.00 -14.28
N THR A 72 5.85 5.09 -13.32
CA THR A 72 6.80 4.83 -12.25
C THR A 72 7.08 3.34 -12.25
N PRO A 73 8.08 2.85 -11.47
CA PRO A 73 8.25 1.41 -11.32
C PRO A 73 7.00 0.66 -10.87
N SER A 74 6.13 1.28 -10.06
CA SER A 74 4.95 0.58 -9.58
C SER A 74 3.90 0.43 -10.68
N GLY A 75 3.85 1.37 -11.64
CA GLY A 75 2.83 1.28 -12.69
C GLY A 75 2.61 2.58 -13.44
N THR A 76 1.48 2.61 -14.18
CA THR A 76 1.05 3.73 -14.99
C THR A 76 -0.14 4.37 -14.29
N TRP A 77 -0.05 5.70 -14.09
CA TRP A 77 -0.94 6.44 -13.20
C TRP A 77 -1.60 7.60 -13.93
N LEU A 78 -2.92 7.74 -13.73
CA LEU A 78 -3.66 8.92 -14.15
C LEU A 78 -3.77 9.87 -12.96
N THR A 79 -3.05 10.96 -13.03
CA THR A 79 -3.00 11.93 -11.95
C THR A 79 -4.13 12.96 -12.12
N TYR A 80 -4.56 13.52 -10.98
CA TYR A 80 -5.62 14.53 -10.96
C TYR A 80 -5.41 15.51 -9.81
N THR A 81 -5.77 16.77 -10.03
N THR A 81 -5.75 16.78 -10.05
CA THR A 81 -5.73 17.81 -9.01
CA THR A 81 -5.71 17.83 -9.04
C THR A 81 -6.78 18.88 -9.35
C THR A 81 -6.78 18.87 -9.35
N GLY A 82 -7.32 19.51 -8.31
CA GLY A 82 -8.30 20.56 -8.49
C GLY A 82 -8.70 21.18 -7.16
N ALA A 83 -9.69 22.08 -7.24
CA ALA A 83 -10.26 22.71 -6.06
C ALA A 83 -11.74 22.98 -6.29
N ILE A 84 -12.51 22.89 -5.21
CA ILE A 84 -13.95 23.06 -5.19
C ILE A 84 -14.29 24.19 -4.23
N LYS A 85 -14.99 25.23 -4.70
CA LYS A 85 -15.35 26.36 -3.85
C LYS A 85 -16.52 25.99 -2.94
N LEU A 86 -16.41 26.30 -1.65
CA LEU A 86 -17.56 26.20 -0.76
C LEU A 86 -18.39 27.47 -0.85
N ASP A 87 -19.72 27.32 -0.86
CA ASP A 87 -20.63 28.45 -1.01
C ASP A 87 -20.83 29.09 0.37
N ASP A 88 -20.19 30.23 0.63
CA ASP A 88 -20.32 30.86 1.94
C ASP A 88 -21.66 31.60 2.07
N LYS A 89 -22.53 31.51 1.05
CA LYS A 89 -23.92 31.93 1.16
C LYS A 89 -24.84 30.77 1.54
N ASP A 90 -24.32 29.54 1.52
CA ASP A 90 -25.05 28.37 1.98
C ASP A 90 -25.30 28.53 3.47
N PRO A 91 -26.55 28.32 3.96
CA PRO A 91 -26.84 28.44 5.39
C PRO A 91 -26.03 27.47 6.24
N ASN A 92 -25.50 26.41 5.63
CA ASN A 92 -24.82 25.36 6.36
C ASN A 92 -23.30 25.44 6.16
N PHE A 93 -22.80 26.56 5.65
CA PHE A 93 -21.37 26.76 5.39
C PHE A 93 -20.50 26.46 6.62
N LYS A 94 -20.82 27.06 7.78
CA LYS A 94 -19.92 26.94 8.92
C LYS A 94 -19.78 25.48 9.35
N ASP A 95 -20.91 24.76 9.32
CA ASP A 95 -20.95 23.35 9.69
C ASP A 95 -20.20 22.50 8.67
N GLN A 96 -20.28 22.85 7.37
CA GLN A 96 -19.57 22.13 6.33
C GLN A 96 -18.06 22.21 6.58
N VAL A 97 -17.58 23.41 6.91
CA VAL A 97 -16.16 23.62 7.16
C VAL A 97 -15.69 22.81 8.37
N ILE A 98 -16.48 22.84 9.47
CA ILE A 98 -16.16 22.09 10.68
C ILE A 98 -16.08 20.60 10.38
N LEU A 99 -17.05 20.10 9.60
CA LEU A 99 -17.08 18.67 9.28
C LEU A 99 -15.85 18.27 8.45
N LEU A 100 -15.53 19.04 7.42
CA LEU A 100 -14.38 18.68 6.57
C LEU A 100 -13.08 18.72 7.38
N ASN A 101 -12.94 19.72 8.25
CA ASN A 101 -11.73 19.87 9.03
C ASN A 101 -11.61 18.77 10.09
N LYS A 102 -12.73 18.22 10.56
CA LYS A 102 -12.68 17.13 11.52
C LYS A 102 -12.07 15.86 10.90
N HIS A 103 -12.22 15.68 9.58
CA HIS A 103 -11.76 14.48 8.91
C HIS A 103 -10.40 14.64 8.21
N ILE A 104 -10.04 15.86 7.81
CA ILE A 104 -8.76 16.06 7.16
C ILE A 104 -7.63 15.85 8.18
N ASP A 105 -6.75 14.89 7.89
CA ASP A 105 -5.58 14.61 8.72
C ASP A 105 -5.97 14.20 10.14
N ALA A 106 -7.16 13.65 10.34
CA ALA A 106 -7.58 13.15 11.65
C ALA A 106 -6.61 12.09 12.17
N TYR A 107 -6.00 11.31 11.28
CA TYR A 107 -5.17 10.15 11.66
C TYR A 107 -3.97 10.59 12.51
N LYS A 108 -3.58 11.87 12.44
CA LYS A 108 -2.47 12.39 13.21
C LYS A 108 -2.70 12.34 14.72
N THR A 109 -3.96 12.30 15.16
CA THR A 109 -4.23 12.21 16.59
C THR A 109 -4.84 10.86 16.97
N PHE A 110 -4.67 9.83 16.14
CA PHE A 110 -5.09 8.47 16.48
C PHE A 110 -4.12 7.89 17.51
N PRO A 111 -4.63 7.24 18.60
CA PRO A 111 -3.76 6.78 19.70
C PRO A 111 -2.71 5.75 19.28
N LYS B 3 -27.04 25.86 -12.72
CA LYS B 3 -27.77 25.96 -11.43
C LYS B 3 -27.23 24.95 -10.41
N LYS B 4 -26.78 23.77 -10.87
CA LYS B 4 -26.13 22.80 -9.98
C LYS B 4 -24.73 23.29 -9.62
N PRO B 5 -24.22 22.95 -8.41
CA PRO B 5 -22.81 23.18 -8.06
C PRO B 5 -21.89 22.55 -9.11
N ARG B 6 -20.75 23.20 -9.37
CA ARG B 6 -19.87 22.81 -10.47
C ARG B 6 -19.53 21.31 -10.42
N GLN B 7 -19.23 20.79 -9.22
CA GLN B 7 -18.77 19.43 -9.06
C GLN B 7 -19.85 18.38 -9.34
N LYS B 8 -21.15 18.77 -9.41
CA LYS B 8 -22.22 17.83 -9.69
C LYS B 8 -22.76 17.93 -11.13
N ARG B 9 -22.20 18.83 -11.94
CA ARG B 9 -22.67 18.99 -13.31
C ARG B 9 -22.29 17.80 -14.19
N THR B 10 -23.11 17.61 -15.24
CA THR B 10 -22.93 16.56 -16.23
C THR B 10 -22.92 17.22 -17.61
N ALA B 11 -21.77 17.22 -18.29
CA ALA B 11 -21.70 17.74 -19.65
C ALA B 11 -22.33 16.76 -20.64
N THR B 12 -23.02 17.35 -21.65
CA THR B 12 -23.69 16.63 -22.73
C THR B 12 -23.65 17.51 -23.97
N LYS B 13 -24.22 17.02 -25.07
CA LYS B 13 -24.30 17.84 -26.29
C LYS B 13 -25.12 19.10 -26.06
N ALA B 14 -26.11 19.03 -25.16
CA ALA B 14 -26.96 20.17 -24.83
C ALA B 14 -26.32 21.15 -23.85
N TYR B 15 -25.31 20.70 -23.07
CA TYR B 15 -24.66 21.51 -22.05
C TYR B 15 -23.20 21.07 -22.02
N ASN B 16 -22.36 21.67 -22.86
CA ASN B 16 -21.11 21.02 -23.24
C ASN B 16 -20.02 21.28 -22.19
N VAL B 17 -18.80 20.78 -22.46
CA VAL B 17 -17.76 20.84 -21.45
C VAL B 17 -17.40 22.30 -21.18
N THR B 18 -17.38 23.14 -22.21
CA THR B 18 -17.08 24.54 -22.02
C THR B 18 -18.17 25.24 -21.20
N GLN B 19 -19.44 24.95 -21.51
CA GLN B 19 -20.55 25.57 -20.79
C GLN B 19 -20.54 25.17 -19.31
N ALA B 20 -20.27 23.88 -19.02
CA ALA B 20 -20.35 23.35 -17.67
C ALA B 20 -19.11 23.64 -16.83
N PHE B 21 -17.92 23.65 -17.44
CA PHE B 21 -16.66 23.59 -16.69
C PHE B 21 -15.64 24.64 -17.15
N GLY B 22 -16.02 25.53 -18.08
CA GLY B 22 -15.10 26.54 -18.59
C GLY B 22 -14.16 26.06 -19.69
N ARG B 23 -13.58 27.04 -20.40
CA ARG B 23 -12.60 26.75 -21.45
C ARG B 23 -11.44 25.94 -20.87
N ARG B 24 -10.90 25.03 -21.69
CA ARG B 24 -9.70 24.31 -21.33
C ARG B 24 -8.52 25.29 -21.28
N GLY B 25 -7.59 25.04 -20.36
CA GLY B 25 -6.38 25.83 -20.27
C GLY B 25 -5.45 25.29 -19.18
N PRO B 26 -4.35 26.01 -18.88
CA PRO B 26 -3.35 25.52 -17.92
C PRO B 26 -3.44 25.92 -16.44
N GLU B 27 -4.33 26.87 -16.09
CA GLU B 27 -4.28 27.48 -14.77
C GLU B 27 -5.04 26.62 -13.74
N GLN B 28 -4.83 26.89 -12.42
CA GLN B 28 -5.48 26.18 -11.32
C GLN B 28 -7.00 26.35 -11.38
N THR B 29 -7.69 25.23 -11.12
CA THR B 29 -9.15 25.08 -11.20
C THR B 29 -9.67 25.08 -12.64
N GLN B 30 -8.79 25.38 -13.62
CA GLN B 30 -9.10 25.20 -15.04
C GLN B 30 -8.81 23.75 -15.42
N GLY B 31 -9.69 23.18 -16.23
CA GLY B 31 -9.54 21.83 -16.74
C GLY B 31 -8.63 21.84 -17.96
N ASN B 32 -7.82 20.79 -18.12
CA ASN B 32 -6.95 20.63 -19.28
C ASN B 32 -7.34 19.44 -20.16
N PHE B 33 -8.45 18.76 -19.87
CA PHE B 33 -8.79 17.49 -20.51
C PHE B 33 -9.90 17.64 -21.55
N GLY B 34 -9.65 17.12 -22.75
CA GLY B 34 -10.64 16.98 -23.81
C GLY B 34 -10.18 17.56 -25.15
N ASP B 35 -10.36 16.77 -26.21
CA ASP B 35 -10.17 17.26 -27.57
C ASP B 35 -11.47 17.93 -28.03
N GLN B 36 -11.51 18.36 -29.31
CA GLN B 36 -12.67 19.13 -29.76
C GLN B 36 -13.96 18.32 -29.69
N GLU B 37 -13.89 17.02 -30.01
CA GLU B 37 -15.05 16.16 -30.06
C GLU B 37 -15.62 15.94 -28.65
N LEU B 38 -14.76 15.63 -27.67
CA LEU B 38 -15.23 15.47 -26.30
C LEU B 38 -15.76 16.78 -25.73
N ILE B 39 -15.11 17.91 -25.99
CA ILE B 39 -15.56 19.20 -25.46
C ILE B 39 -17.01 19.44 -25.93
N ARG B 40 -17.29 19.13 -27.20
CA ARG B 40 -18.62 19.39 -27.76
C ARG B 40 -19.67 18.42 -27.20
N GLN B 41 -19.28 17.18 -26.88
CA GLN B 41 -20.26 16.13 -26.67
C GLN B 41 -20.39 15.71 -25.20
N GLY B 42 -19.34 15.92 -24.40
CA GLY B 42 -19.36 15.46 -23.00
C GLY B 42 -19.64 13.98 -22.88
N THR B 43 -20.62 13.62 -22.02
CA THR B 43 -20.97 12.24 -21.75
C THR B 43 -21.67 11.56 -22.93
N ASP B 44 -21.94 12.29 -24.02
CA ASP B 44 -22.48 11.67 -25.22
C ASP B 44 -21.35 11.23 -26.15
N TYR B 45 -20.08 11.56 -25.82
CA TYR B 45 -18.92 11.16 -26.60
C TYR B 45 -18.88 9.63 -26.72
N LYS B 46 -18.48 9.13 -27.90
CA LYS B 46 -18.51 7.72 -28.25
C LYS B 46 -17.70 6.89 -27.25
N HIS B 47 -16.59 7.42 -26.74
CA HIS B 47 -15.69 6.64 -25.90
C HIS B 47 -15.80 7.12 -24.46
N TRP B 48 -16.91 7.76 -24.09
CA TRP B 48 -17.07 8.27 -22.74
C TRP B 48 -16.98 7.12 -21.72
N PRO B 49 -17.63 5.95 -21.90
CA PRO B 49 -17.48 4.87 -20.91
C PRO B 49 -16.03 4.44 -20.65
N GLN B 50 -15.18 4.50 -21.67
CA GLN B 50 -13.79 4.08 -21.55
C GLN B 50 -12.96 5.12 -20.77
N ILE B 51 -13.45 6.36 -20.71
CA ILE B 51 -12.89 7.42 -19.89
C ILE B 51 -13.44 7.32 -18.46
N ALA B 52 -14.77 7.22 -18.33
CA ALA B 52 -15.42 7.22 -17.02
C ALA B 52 -15.04 6.01 -16.15
N GLN B 53 -14.56 4.92 -16.73
CA GLN B 53 -14.10 3.78 -15.94
C GLN B 53 -13.00 4.21 -14.96
N PHE B 54 -12.29 5.32 -15.23
CA PHE B 54 -11.23 5.81 -14.34
C PHE B 54 -11.72 6.84 -13.30
N ALA B 55 -12.94 7.36 -13.42
CA ALA B 55 -13.47 8.32 -12.46
C ALA B 55 -13.86 7.61 -11.15
N PRO B 56 -13.55 8.22 -9.98
CA PRO B 56 -13.88 7.62 -8.68
C PRO B 56 -15.33 7.80 -8.24
N SER B 57 -15.85 6.75 -7.58
CA SER B 57 -17.06 6.87 -6.77
C SER B 57 -16.86 7.97 -5.70
N ALA B 58 -17.94 8.47 -5.08
CA ALA B 58 -17.82 9.45 -4.00
C ALA B 58 -16.97 8.90 -2.85
N SER B 59 -17.24 7.64 -2.47
CA SER B 59 -16.49 6.97 -1.42
C SER B 59 -14.98 6.92 -1.78
N ALA B 60 -14.67 6.50 -3.02
CA ALA B 60 -13.29 6.43 -3.47
C ALA B 60 -12.65 7.81 -3.53
N PHE B 61 -13.40 8.83 -3.95
CA PHE B 61 -12.82 10.17 -4.06
C PHE B 61 -12.29 10.61 -2.69
N PHE B 62 -13.10 10.45 -1.65
CA PHE B 62 -12.73 10.83 -0.29
C PHE B 62 -11.83 9.80 0.38
N GLY B 63 -11.79 8.56 -0.11
CA GLY B 63 -10.91 7.53 0.42
C GLY B 63 -9.49 7.55 -0.12
N MET B 64 -9.33 7.90 -1.42
N MET B 64 -9.33 7.90 -1.41
CA MET B 64 -8.07 7.79 -2.13
CA MET B 64 -8.06 7.78 -2.13
C MET B 64 -7.30 9.11 -2.19
C MET B 64 -7.30 9.11 -2.19
N SER B 65 -8.02 10.23 -2.20
CA SER B 65 -7.43 11.53 -2.47
C SER B 65 -6.75 12.14 -1.25
N ARG B 66 -5.81 13.07 -1.53
CA ARG B 66 -5.31 13.97 -0.50
C ARG B 66 -6.18 15.22 -0.51
N ILE B 67 -6.93 15.43 0.59
CA ILE B 67 -7.91 16.49 0.71
C ILE B 67 -7.32 17.59 1.59
N GLY B 68 -7.55 18.85 1.20
CA GLY B 68 -7.15 19.99 2.01
C GLY B 68 -8.16 21.11 1.96
N MET B 69 -7.93 22.14 2.78
N MET B 69 -7.96 22.09 2.85
CA MET B 69 -8.80 23.30 2.86
CA MET B 69 -8.74 23.31 2.88
C MET B 69 -7.96 24.58 2.85
C MET B 69 -7.78 24.49 2.71
N GLU B 70 -8.09 25.36 1.75
CA GLU B 70 -7.30 26.57 1.51
C GLU B 70 -8.25 27.77 1.67
N VAL B 71 -7.91 28.69 2.58
CA VAL B 71 -8.71 29.88 2.83
C VAL B 71 -7.95 31.07 2.24
N THR B 72 -8.57 31.77 1.29
CA THR B 72 -7.87 32.83 0.56
C THR B 72 -8.80 34.04 0.50
N PRO B 73 -8.39 35.18 -0.10
CA PRO B 73 -9.33 36.30 -0.25
C PRO B 73 -10.61 36.02 -1.05
N SER B 74 -10.63 34.97 -1.89
CA SER B 74 -11.82 34.62 -2.66
C SER B 74 -12.78 33.69 -1.90
N GLY B 75 -12.31 33.13 -0.79
CA GLY B 75 -13.16 32.25 0.02
C GLY B 75 -12.42 31.00 0.51
N THR B 76 -13.24 29.98 0.78
CA THR B 76 -12.75 28.70 1.30
C THR B 76 -12.87 27.63 0.21
N TRP B 77 -11.78 26.93 -0.03
CA TRP B 77 -11.67 25.98 -1.15
C TRP B 77 -11.24 24.61 -0.62
N LEU B 78 -11.97 23.58 -1.03
CA LEU B 78 -11.60 22.19 -0.77
C LEU B 78 -10.68 21.75 -1.92
N THR B 79 -9.42 21.45 -1.60
CA THR B 79 -8.44 21.01 -2.57
C THR B 79 -8.36 19.49 -2.59
N TYR B 80 -8.06 18.93 -3.77
CA TYR B 80 -7.90 17.50 -3.94
C TYR B 80 -6.74 17.19 -4.88
N THR B 81 -5.96 16.14 -4.59
N THR B 81 -5.95 16.16 -4.56
CA THR B 81 -4.94 15.62 -5.47
CA THR B 81 -4.93 15.62 -5.45
C THR B 81 -4.90 14.11 -5.29
C THR B 81 -4.92 14.11 -5.29
N GLY B 82 -4.59 13.38 -6.35
CA GLY B 82 -4.44 11.93 -6.27
C GLY B 82 -4.05 11.31 -7.58
N ALA B 83 -4.10 9.97 -7.61
CA ALA B 83 -3.74 9.21 -8.79
C ALA B 83 -4.53 7.90 -8.85
N ILE B 84 -4.99 7.55 -10.05
CA ILE B 84 -5.70 6.31 -10.33
C ILE B 84 -4.73 5.37 -11.09
N LYS B 85 -4.51 4.14 -10.61
CA LYS B 85 -3.59 3.23 -11.27
C LYS B 85 -4.30 2.50 -12.41
N LEU B 86 -3.71 2.53 -13.61
CA LEU B 86 -4.18 1.68 -14.69
C LEU B 86 -3.78 0.22 -14.46
N ASP B 87 -4.59 -0.71 -15.00
CA ASP B 87 -4.33 -2.14 -14.86
C ASP B 87 -3.48 -2.61 -16.02
N ASP B 88 -2.19 -2.87 -15.74
CA ASP B 88 -1.23 -3.21 -16.78
C ASP B 88 -1.57 -4.55 -17.43
N LYS B 89 -2.42 -5.36 -16.77
CA LYS B 89 -2.81 -6.68 -17.28
C LYS B 89 -4.13 -6.64 -18.05
N ASP B 90 -4.79 -5.47 -18.12
CA ASP B 90 -6.03 -5.33 -18.89
C ASP B 90 -5.70 -5.49 -20.37
N PRO B 91 -6.39 -6.36 -21.16
CA PRO B 91 -6.01 -6.53 -22.56
C PRO B 91 -6.15 -5.25 -23.40
N ASN B 92 -6.87 -4.26 -22.86
CA ASN B 92 -7.12 -3.00 -23.54
C ASN B 92 -6.26 -1.88 -22.96
N PHE B 93 -5.30 -2.20 -22.08
CA PHE B 93 -4.37 -1.24 -21.50
C PHE B 93 -3.77 -0.29 -22.54
N LYS B 94 -3.24 -0.80 -23.66
CA LYS B 94 -2.56 0.06 -24.63
C LYS B 94 -3.53 1.09 -25.21
N ASP B 95 -4.78 0.68 -25.45
CA ASP B 95 -5.79 1.57 -26.01
C ASP B 95 -6.23 2.60 -24.97
N GLN B 96 -6.21 2.20 -23.70
CA GLN B 96 -6.58 3.12 -22.62
C GLN B 96 -5.57 4.27 -22.52
N VAL B 97 -4.30 3.92 -22.63
CA VAL B 97 -3.21 4.90 -22.58
C VAL B 97 -3.35 5.86 -23.76
N ILE B 98 -3.60 5.33 -24.98
CA ILE B 98 -3.74 6.12 -26.18
C ILE B 98 -4.92 7.08 -26.02
N LEU B 99 -6.06 6.59 -25.50
CA LEU B 99 -7.25 7.43 -25.37
C LEU B 99 -7.02 8.56 -24.37
N LEU B 100 -6.45 8.26 -23.21
CA LEU B 100 -6.24 9.30 -22.21
C LEU B 100 -5.28 10.35 -22.75
N ASN B 101 -4.19 9.91 -23.39
CA ASN B 101 -3.19 10.84 -23.91
C ASN B 101 -3.78 11.70 -25.02
N LYS B 102 -4.75 11.19 -25.78
CA LYS B 102 -5.39 11.95 -26.84
C LYS B 102 -6.09 13.19 -26.28
N HIS B 103 -6.63 13.09 -25.05
CA HIS B 103 -7.41 14.17 -24.44
C HIS B 103 -6.61 15.08 -23.49
N ILE B 104 -5.51 14.60 -22.90
CA ILE B 104 -4.73 15.40 -21.96
C ILE B 104 -4.01 16.53 -22.73
N ASP B 105 -4.33 17.78 -22.39
CA ASP B 105 -3.70 18.95 -23.01
C ASP B 105 -3.98 19.03 -24.52
N ALA B 106 -5.07 18.45 -25.01
CA ALA B 106 -5.41 18.48 -26.43
C ALA B 106 -5.60 19.93 -26.89
N TYR B 107 -6.08 20.78 -25.98
CA TYR B 107 -6.45 22.16 -26.30
C TYR B 107 -5.25 22.95 -26.83
N LYS B 108 -4.02 22.52 -26.54
CA LYS B 108 -2.84 23.21 -27.04
C LYS B 108 -2.79 23.23 -28.56
N THR B 109 -3.48 22.30 -29.23
CA THR B 109 -3.35 22.08 -30.68
C THR B 109 -4.48 22.71 -31.49
N PHE B 110 -5.40 23.46 -30.86
CA PHE B 110 -6.48 24.09 -31.58
C PHE B 110 -6.89 25.40 -30.91
N PRO B 111 -7.60 26.32 -31.60
CA PRO B 111 -8.00 27.56 -30.97
C PRO B 111 -8.89 27.29 -29.75
N LYS C 3 29.98 -20.70 18.51
CA LYS C 3 28.50 -20.83 18.43
C LYS C 3 27.88 -19.43 18.32
N LYS C 4 27.16 -19.19 17.21
CA LYS C 4 26.60 -17.87 16.94
C LYS C 4 25.37 -17.65 17.83
N PRO C 5 25.00 -16.37 18.09
CA PRO C 5 23.70 -16.05 18.69
C PRO C 5 22.63 -16.73 17.84
N ARG C 6 21.51 -17.10 18.49
CA ARG C 6 20.45 -17.91 17.89
C ARG C 6 19.97 -17.28 16.58
N GLN C 7 19.75 -15.96 16.58
CA GLN C 7 19.19 -15.27 15.44
C GLN C 7 20.10 -15.22 14.21
N LYS C 8 21.39 -15.55 14.36
CA LYS C 8 22.28 -15.55 13.21
C LYS C 8 22.67 -16.95 12.76
N ARG C 9 22.10 -18.00 13.38
CA ARG C 9 22.43 -19.37 13.00
C ARG C 9 21.85 -19.72 11.63
N THR C 10 22.55 -20.66 10.95
CA THR C 10 22.15 -21.21 9.68
C THR C 10 22.02 -22.73 9.78
N ALA C 11 20.80 -23.25 9.70
CA ALA C 11 20.58 -24.69 9.72
C ALA C 11 21.01 -25.31 8.39
N THR C 12 21.60 -26.53 8.51
CA THR C 12 22.10 -27.35 7.40
C THR C 12 21.92 -28.82 7.78
N LYS C 13 22.30 -29.73 6.88
CA LYS C 13 22.27 -31.15 7.19
C LYS C 13 23.15 -31.50 8.39
N ALA C 14 24.27 -30.78 8.59
CA ALA C 14 25.19 -31.03 9.70
C ALA C 14 24.78 -30.35 11.00
N TYR C 15 23.86 -29.38 10.94
CA TYR C 15 23.43 -28.62 12.11
C TYR C 15 21.98 -28.23 11.86
N ASN C 16 21.06 -29.15 12.14
CA ASN C 16 19.71 -29.10 11.58
C ASN C 16 18.82 -28.12 12.35
N VAL C 17 17.56 -28.01 11.92
CA VAL C 17 16.66 -27.03 12.50
C VAL C 17 16.46 -27.27 14.00
N THR C 18 16.32 -28.54 14.42
CA THR C 18 16.17 -28.85 15.83
C THR C 18 17.39 -28.46 16.65
N GLN C 19 18.58 -28.77 16.12
CA GLN C 19 19.84 -28.46 16.81
C GLN C 19 20.00 -26.94 16.94
N ALA C 20 19.66 -26.19 15.89
CA ALA C 20 19.88 -24.74 15.87
C ALA C 20 18.80 -23.96 16.60
N PHE C 21 17.54 -24.41 16.49
CA PHE C 21 16.37 -23.59 16.86
C PHE C 21 15.39 -24.31 17.78
N GLY C 22 15.70 -25.55 18.20
CA GLY C 22 14.84 -26.32 19.07
C GLY C 22 13.70 -27.06 18.36
N ARG C 23 13.07 -27.98 19.09
CA ARG C 23 11.94 -28.73 18.55
C ARG C 23 10.81 -27.77 18.18
N ARG C 24 10.10 -28.10 17.10
CA ARG C 24 8.88 -27.39 16.72
C ARG C 24 7.80 -27.64 17.77
N GLY C 25 6.92 -26.66 18.01
CA GLY C 25 5.79 -26.90 18.92
C GLY C 25 4.85 -25.71 19.03
N PRO C 26 3.84 -25.77 19.95
CA PRO C 26 2.78 -24.74 20.04
C PRO C 26 2.97 -23.60 21.04
N GLU C 27 4.06 -23.61 21.82
CA GLU C 27 4.23 -22.63 22.89
C GLU C 27 4.63 -21.29 22.30
N GLN C 28 4.29 -20.22 23.02
CA GLN C 28 4.32 -18.88 22.48
C GLN C 28 5.71 -18.44 22.03
N THR C 29 6.74 -19.05 22.60
CA THR C 29 8.13 -18.74 22.25
C THR C 29 8.80 -19.79 21.35
N GLN C 30 8.10 -20.88 20.96
CA GLN C 30 8.72 -21.95 20.17
C GLN C 30 8.43 -21.74 18.68
N GLY C 31 9.34 -22.16 17.79
CA GLY C 31 9.09 -22.18 16.35
C GLY C 31 8.08 -23.25 15.93
N ASN C 32 7.24 -22.97 14.91
CA ASN C 32 6.23 -23.93 14.46
C ASN C 32 6.41 -24.35 12.99
N PHE C 33 7.46 -23.91 12.31
CA PHE C 33 7.59 -24.07 10.86
C PHE C 33 8.58 -25.17 10.49
N GLY C 34 8.14 -26.09 9.61
CA GLY C 34 8.98 -27.10 8.99
C GLY C 34 8.41 -28.52 9.08
N ASP C 35 8.35 -29.22 7.94
CA ASP C 35 8.07 -30.65 7.91
C ASP C 35 9.35 -31.43 8.19
N GLN C 36 9.27 -32.79 8.15
CA GLN C 36 10.41 -33.58 8.58
C GLN C 36 11.62 -33.39 7.65
N GLU C 37 11.36 -33.20 6.36
CA GLU C 37 12.42 -33.04 5.36
C GLU C 37 13.16 -31.72 5.60
N LEU C 38 12.41 -30.62 5.80
CA LEU C 38 13.05 -29.34 6.06
C LEU C 38 13.77 -29.36 7.41
N ILE C 39 13.18 -29.97 8.45
CA ILE C 39 13.80 -29.98 9.77
C ILE C 39 15.21 -30.60 9.68
N ARG C 40 15.34 -31.71 8.93
CA ARG C 40 16.60 -32.45 8.88
C ARG C 40 17.61 -31.84 7.89
N GLN C 41 17.17 -30.94 7.00
CA GLN C 41 18.05 -30.41 5.95
C GLN C 41 18.35 -28.92 6.07
N GLY C 42 17.47 -28.15 6.70
CA GLY C 42 17.68 -26.70 6.78
C GLY C 42 17.79 -26.08 5.40
N THR C 43 18.82 -25.22 5.20
CA THR C 43 19.05 -24.52 3.95
C THR C 43 19.49 -25.43 2.80
N ASP C 44 19.74 -26.72 3.08
CA ASP C 44 20.01 -27.71 2.04
C ASP C 44 18.71 -28.28 1.47
N TYR C 45 17.55 -27.95 2.07
CA TYR C 45 16.26 -28.39 1.55
C TYR C 45 16.04 -27.96 0.10
N LYS C 46 15.40 -28.83 -0.71
CA LYS C 46 15.26 -28.62 -2.15
C LYS C 46 14.50 -27.34 -2.51
N HIS C 47 13.52 -26.94 -1.69
CA HIS C 47 12.74 -25.74 -1.97
C HIS C 47 13.12 -24.60 -1.03
N TRP C 48 14.32 -24.64 -0.43
CA TRP C 48 14.75 -23.59 0.49
C TRP C 48 14.74 -22.21 -0.19
N PRO C 49 15.25 -22.02 -1.41
CA PRO C 49 15.17 -20.69 -2.03
C PRO C 49 13.76 -20.12 -2.17
N GLN C 50 12.76 -20.98 -2.42
CA GLN C 50 11.37 -20.54 -2.59
C GLN C 50 10.75 -20.15 -1.24
N ILE C 51 11.34 -20.62 -0.13
CA ILE C 51 10.91 -20.18 1.20
C ILE C 51 11.65 -18.88 1.56
N ALA C 52 12.96 -18.87 1.36
CA ALA C 52 13.81 -17.74 1.73
C ALA C 52 13.44 -16.45 1.00
N GLN C 53 12.77 -16.52 -0.16
CA GLN C 53 12.31 -15.33 -0.86
C GLN C 53 11.39 -14.48 0.03
N PHE C 54 10.77 -15.10 1.05
CA PHE C 54 9.88 -14.36 1.96
C PHE C 54 10.56 -13.83 3.21
N ALA C 55 11.81 -14.23 3.50
CA ALA C 55 12.51 -13.79 4.70
C ALA C 55 13.03 -12.37 4.48
N PRO C 56 12.91 -11.48 5.50
CA PRO C 56 13.35 -10.09 5.31
C PRO C 56 14.84 -9.85 5.48
N SER C 57 15.37 -8.88 4.71
CA SER C 57 16.69 -8.30 5.01
C SER C 57 16.68 -7.67 6.42
N ALA C 58 17.86 -7.38 6.97
CA ALA C 58 17.95 -6.74 8.29
C ALA C 58 17.25 -5.39 8.26
N SER C 59 17.48 -4.63 7.19
CA SER C 59 16.84 -3.34 7.00
C SER C 59 15.31 -3.48 6.98
N ALA C 60 14.76 -4.43 6.20
CA ALA C 60 13.34 -4.66 6.14
C ALA C 60 12.78 -5.17 7.48
N PHE C 61 13.54 -6.01 8.17
CA PHE C 61 13.06 -6.54 9.44
C PHE C 61 12.76 -5.38 10.41
N PHE C 62 13.69 -4.43 10.49
CA PHE C 62 13.53 -3.28 11.39
C PHE C 62 12.64 -2.22 10.76
N GLY C 63 12.45 -2.24 9.43
CA GLY C 63 11.60 -1.26 8.77
C GLY C 63 10.11 -1.61 8.79
N MET C 64 9.79 -2.90 8.63
CA MET C 64 8.42 -3.37 8.44
CA MET C 64 8.42 -3.36 8.43
C MET C 64 7.76 -3.76 9.76
N SER C 65 8.54 -4.24 10.73
CA SER C 65 7.99 -4.91 11.92
C SER C 65 7.54 -3.94 13.00
N ARG C 66 6.67 -4.46 13.89
CA ARG C 66 6.42 -3.86 15.18
C ARG C 66 7.47 -4.38 16.15
N ILE C 67 8.34 -3.48 16.61
CA ILE C 67 9.44 -3.83 17.48
C ILE C 67 9.11 -3.40 18.90
N GLY C 68 9.44 -4.25 19.90
CA GLY C 68 9.33 -3.87 21.30
C GLY C 68 10.49 -4.39 22.14
N MET C 69 10.52 -3.95 23.40
N MET C 69 10.55 -3.92 23.39
CA MET C 69 11.51 -4.41 24.37
CA MET C 69 11.49 -4.47 24.34
C MET C 69 10.80 -4.80 25.68
C MET C 69 10.74 -4.84 25.63
N GLU C 70 11.02 -6.05 26.12
CA GLU C 70 10.42 -6.56 27.35
C GLU C 70 11.54 -6.96 28.30
N VAL C 71 11.47 -6.40 29.52
CA VAL C 71 12.43 -6.73 30.55
C VAL C 71 11.70 -7.57 31.59
N THR C 72 12.16 -8.81 31.75
CA THR C 72 11.42 -9.79 32.54
C THR C 72 12.42 -10.45 33.48
N PRO C 73 11.98 -11.38 34.37
CA PRO C 73 12.94 -12.08 35.22
C PRO C 73 14.06 -12.86 34.52
N SER C 74 13.87 -13.22 33.23
CA SER C 74 14.88 -13.96 32.49
C SER C 74 15.87 -13.07 31.75
N GLY C 75 15.57 -11.77 31.62
CA GLY C 75 16.49 -10.92 30.88
C GLY C 75 15.76 -9.86 30.06
N THR C 76 16.48 -9.33 29.06
CA THR C 76 15.94 -8.29 28.19
C THR C 76 15.75 -8.89 26.81
N TRP C 77 14.53 -8.76 26.29
CA TRP C 77 14.10 -9.41 25.05
C TRP C 77 13.61 -8.38 24.03
N LEU C 78 14.11 -8.47 22.79
CA LEU C 78 13.55 -7.73 21.67
C LEU C 78 12.41 -8.54 21.06
N THR C 79 11.21 -7.97 21.03
CA THR C 79 10.04 -8.63 20.49
C THR C 79 9.76 -8.10 19.08
N TYR C 80 9.22 -8.98 18.23
CA TYR C 80 8.85 -8.58 16.88
C TYR C 80 7.55 -9.25 16.45
N THR C 81 6.72 -8.50 15.70
N THR C 81 6.77 -8.52 15.65
CA THR C 81 5.57 -9.03 14.98
CA THR C 81 5.61 -9.06 14.96
C THR C 81 5.51 -8.33 13.62
C THR C 81 5.50 -8.33 13.64
N GLY C 82 5.01 -9.03 12.61
CA GLY C 82 4.76 -8.39 11.35
C GLY C 82 4.11 -9.34 10.36
N ALA C 83 4.02 -8.87 9.11
CA ALA C 83 3.45 -9.65 8.04
C ALA C 83 4.12 -9.32 6.70
N ILE C 84 4.37 -10.37 5.92
CA ILE C 84 4.92 -10.29 4.57
C ILE C 84 3.77 -10.52 3.57
N LYS C 85 3.54 -9.57 2.65
N LYS C 85 3.54 -9.57 2.65
CA LYS C 85 2.46 -9.72 1.67
CA LYS C 85 2.47 -9.71 1.66
C LYS C 85 2.93 -10.59 0.50
C LYS C 85 2.93 -10.59 0.50
N LEU C 86 2.16 -11.64 0.18
CA LEU C 86 2.40 -12.44 -1.01
C LEU C 86 1.90 -11.66 -2.22
N ASP C 87 2.61 -11.80 -3.35
CA ASP C 87 2.28 -11.07 -4.56
C ASP C 87 1.26 -11.85 -5.38
N ASP C 88 -0.01 -11.39 -5.36
CA ASP C 88 -1.09 -12.06 -6.04
C ASP C 88 -0.87 -12.10 -7.56
N LYS C 89 0.01 -11.25 -8.10
CA LYS C 89 0.25 -11.20 -9.54
C LYS C 89 1.44 -12.06 -9.96
N ASP C 90 2.06 -12.78 -9.01
CA ASP C 90 3.15 -13.71 -9.32
C ASP C 90 2.56 -14.96 -9.95
N PRO C 91 3.07 -15.44 -11.12
CA PRO C 91 2.50 -16.64 -11.73
C PRO C 91 2.62 -17.90 -10.86
N ASN C 92 3.51 -17.86 -9.85
CA ASN C 92 3.75 -18.98 -8.95
C ASN C 92 3.10 -18.78 -7.58
N PHE C 93 2.19 -17.81 -7.49
CA PHE C 93 1.46 -17.52 -6.26
C PHE C 93 0.85 -18.78 -5.67
N LYS C 94 0.15 -19.60 -6.46
CA LYS C 94 -0.56 -20.76 -5.91
C LYS C 94 0.41 -21.78 -5.32
N ASP C 95 1.58 -21.93 -5.95
CA ASP C 95 2.57 -22.89 -5.49
C ASP C 95 3.24 -22.37 -4.21
N GLN C 96 3.37 -21.04 -4.11
CA GLN C 96 3.95 -20.42 -2.92
C GLN C 96 3.06 -20.69 -1.71
N VAL C 97 1.75 -20.49 -1.87
CA VAL C 97 0.79 -20.78 -0.82
C VAL C 97 0.88 -22.24 -0.41
N ILE C 98 0.88 -23.16 -1.39
CA ILE C 98 0.96 -24.59 -1.09
C ILE C 98 2.23 -24.89 -0.29
N LEU C 99 3.38 -24.36 -0.72
CA LEU C 99 4.63 -24.67 -0.06
C LEU C 99 4.60 -24.17 1.39
N LEU C 100 4.18 -22.93 1.59
CA LEU C 100 4.23 -22.37 2.95
C LEU C 100 3.27 -23.14 3.85
N ASN C 101 2.08 -23.49 3.37
CA ASN C 101 1.13 -24.24 4.18
C ASN C 101 1.62 -25.65 4.48
N LYS C 102 2.42 -26.25 3.59
CA LYS C 102 3.01 -27.57 3.84
C LYS C 102 3.88 -27.59 5.10
N HIS C 103 4.53 -26.45 5.41
CA HIS C 103 5.47 -26.39 6.53
C HIS C 103 4.86 -25.80 7.82
N ILE C 104 3.86 -24.94 7.71
CA ILE C 104 3.24 -24.29 8.87
C ILE C 104 2.53 -25.36 9.71
N ASP C 105 2.97 -25.55 10.97
CA ASP C 105 2.34 -26.49 11.90
C ASP C 105 2.38 -27.93 11.38
N ALA C 106 3.34 -28.25 10.50
CA ALA C 106 3.52 -29.62 10.01
C ALA C 106 3.78 -30.58 11.17
N TYR C 107 4.47 -30.12 12.23
CA TYR C 107 4.89 -30.95 13.34
C TYR C 107 3.72 -31.66 14.03
N LYS C 108 2.51 -31.14 13.87
CA LYS C 108 1.33 -31.75 14.49
C LYS C 108 1.10 -33.18 13.99
N THR C 109 1.65 -33.53 12.82
CA THR C 109 1.39 -34.83 12.19
C THR C 109 2.51 -35.86 12.35
N PHE C 110 3.52 -35.60 13.17
CA PHE C 110 4.56 -36.58 13.43
C PHE C 110 5.11 -36.43 14.83
N PRO C 111 5.74 -37.45 15.44
CA PRO C 111 6.28 -37.32 16.78
C PRO C 111 7.33 -36.19 16.81
N LYS D 3 12.28 -4.21 -8.82
CA LYS D 3 12.09 -5.67 -8.95
C LYS D 3 12.00 -6.35 -7.58
N LYS D 4 12.90 -5.99 -6.64
CA LYS D 4 12.93 -6.64 -5.33
C LYS D 4 11.59 -6.42 -4.62
N PRO D 5 10.97 -7.46 -3.99
CA PRO D 5 9.82 -7.24 -3.12
C PRO D 5 10.22 -6.43 -1.88
N ARG D 6 9.19 -5.91 -1.18
CA ARG D 6 9.39 -5.03 -0.05
CA ARG D 6 9.38 -5.02 -0.04
C ARG D 6 10.37 -5.63 0.95
N GLN D 7 10.22 -6.94 1.26
CA GLN D 7 11.00 -7.59 2.31
C GLN D 7 12.49 -7.74 1.97
N LYS D 8 12.87 -7.54 0.70
CA LYS D 8 14.28 -7.63 0.32
C LYS D 8 14.89 -6.25 0.06
N ARG D 9 14.14 -5.16 0.31
CA ARG D 9 14.71 -3.82 0.18
C ARG D 9 15.75 -3.52 1.25
N THR D 10 16.68 -2.62 0.94
CA THR D 10 17.73 -2.13 1.84
C THR D 10 17.71 -0.60 1.86
N ALA D 11 17.40 0.00 3.01
CA ALA D 11 17.40 1.46 3.15
C ALA D 11 18.83 1.97 3.33
N THR D 12 19.13 3.13 2.68
CA THR D 12 20.40 3.84 2.75
C THR D 12 20.11 5.33 2.62
N LYS D 13 21.15 6.19 2.63
CA LYS D 13 20.93 7.60 2.33
C LYS D 13 20.33 7.79 0.93
N ALA D 14 20.56 6.86 0.00
CA ALA D 14 20.03 6.96 -1.36
C ALA D 14 18.57 6.50 -1.44
N TYR D 15 18.09 5.77 -0.42
CA TYR D 15 16.75 5.20 -0.43
C TYR D 15 16.29 5.01 1.02
N ASN D 16 15.56 6.00 1.56
CA ASN D 16 15.41 6.13 3.00
C ASN D 16 14.32 5.18 3.52
N VAL D 17 14.22 5.09 4.86
CA VAL D 17 13.32 4.13 5.47
C VAL D 17 11.87 4.44 5.11
N THR D 18 11.50 5.73 5.02
CA THR D 18 10.15 6.09 4.64
C THR D 18 9.84 5.64 3.20
N GLN D 19 10.77 5.87 2.29
CA GLN D 19 10.47 5.50 0.91
CA GLN D 19 10.63 5.49 0.88
C GLN D 19 10.47 3.98 0.74
N ALA D 20 11.37 3.24 1.42
CA ALA D 20 11.41 1.78 1.32
C ALA D 20 10.27 1.08 2.09
N PHE D 21 9.92 1.56 3.30
CA PHE D 21 9.07 0.80 4.22
C PHE D 21 7.90 1.61 4.82
N GLY D 22 7.71 2.86 4.38
CA GLY D 22 6.56 3.64 4.84
C GLY D 22 6.83 4.43 6.12
N ARG D 23 5.96 5.42 6.42
CA ARG D 23 6.12 6.25 7.60
CA ARG D 23 6.16 6.24 7.60
C ARG D 23 6.05 5.38 8.87
N ARG D 24 6.84 5.76 9.89
CA ARG D 24 6.73 5.20 11.23
C ARG D 24 5.45 5.73 11.88
N GLY D 25 4.79 4.89 12.68
CA GLY D 25 3.63 5.34 13.42
C GLY D 25 3.01 4.22 14.26
N PRO D 26 1.81 4.48 14.82
CA PRO D 26 1.19 3.54 15.76
C PRO D 26 0.38 2.38 15.23
N GLU D 27 0.04 2.36 13.93
CA GLU D 27 -0.86 1.34 13.42
C GLU D 27 -0.14 0.00 13.26
N GLN D 28 -0.88 -1.10 13.40
CA GLN D 28 -0.26 -2.42 13.46
C GLN D 28 0.37 -2.81 12.12
N THR D 29 -0.12 -2.23 11.04
CA THR D 29 0.39 -2.52 9.70
C THR D 29 1.64 -1.72 9.36
N GLN D 30 2.00 -0.72 10.17
CA GLN D 30 3.15 0.09 9.84
C GLN D 30 4.28 -0.23 10.83
N GLY D 31 5.50 0.06 10.42
CA GLY D 31 6.62 -0.04 11.34
C GLY D 31 6.62 1.05 12.41
N ASN D 32 7.20 0.78 13.59
CA ASN D 32 7.33 1.77 14.65
C ASN D 32 8.77 2.16 14.99
N PHE D 33 9.77 1.55 14.29
CA PHE D 33 11.16 1.67 14.69
C PHE D 33 11.94 2.67 13.84
N GLY D 34 12.62 3.60 14.52
CA GLY D 34 13.61 4.49 13.94
C GLY D 34 13.37 5.95 14.33
N ASP D 35 14.47 6.61 14.73
CA ASP D 35 14.46 8.05 14.94
C ASP D 35 14.78 8.76 13.61
N GLN D 36 14.88 10.10 13.63
CA GLN D 36 14.96 10.79 12.35
C GLN D 36 16.27 10.48 11.62
N GLU D 37 17.36 10.30 12.36
CA GLU D 37 18.66 10.01 11.77
C GLU D 37 18.66 8.62 11.13
N LEU D 38 18.11 7.61 11.80
CA LEU D 38 18.09 6.28 11.21
C LEU D 38 17.15 6.26 10.01
N ILE D 39 15.99 6.93 10.08
CA ILE D 39 15.08 6.97 8.96
C ILE D 39 15.81 7.54 7.73
N ARG D 40 16.60 8.62 7.90
CA ARG D 40 17.24 9.27 6.77
C ARG D 40 18.36 8.40 6.19
N GLN D 41 19.07 7.66 7.05
CA GLN D 41 20.37 7.09 6.71
C GLN D 41 20.30 5.58 6.46
N GLY D 42 19.30 4.91 7.04
CA GLY D 42 19.23 3.46 6.89
C GLY D 42 20.50 2.74 7.34
N THR D 43 20.99 1.77 6.54
CA THR D 43 22.19 1.00 6.89
C THR D 43 23.48 1.83 6.87
N ASP D 44 23.41 3.09 6.42
CA ASP D 44 24.54 4.01 6.50
C ASP D 44 24.68 4.61 7.90
N TYR D 45 23.63 4.50 8.73
CA TYR D 45 23.64 5.00 10.10
C TYR D 45 24.82 4.42 10.87
N LYS D 46 25.58 5.27 11.58
CA LYS D 46 26.80 4.88 12.25
C LYS D 46 26.62 3.66 13.15
N HIS D 47 25.47 3.56 13.86
CA HIS D 47 25.29 2.56 14.90
C HIS D 47 24.49 1.37 14.36
N TRP D 48 24.18 1.36 13.06
CA TRP D 48 23.36 0.33 12.42
C TRP D 48 23.84 -1.07 12.79
N PRO D 49 25.13 -1.46 12.74
CA PRO D 49 25.47 -2.85 13.00
C PRO D 49 25.06 -3.37 14.39
N GLN D 50 24.99 -2.49 15.39
CA GLN D 50 24.59 -2.88 16.73
C GLN D 50 23.07 -3.09 16.80
N ILE D 51 22.32 -2.66 15.79
CA ILE D 51 20.89 -2.95 15.65
C ILE D 51 20.74 -4.24 14.84
N ALA D 52 21.40 -4.28 13.68
CA ALA D 52 21.26 -5.39 12.74
C ALA D 52 21.71 -6.73 13.31
N GLN D 53 22.56 -6.72 14.37
CA GLN D 53 22.99 -7.96 15.01
C GLN D 53 21.78 -8.76 15.52
N PHE D 54 20.64 -8.09 15.73
CA PHE D 54 19.44 -8.71 16.28
C PHE D 54 18.50 -9.19 15.18
N ALA D 55 18.69 -8.77 13.93
CA ALA D 55 17.85 -9.21 12.82
C ALA D 55 18.18 -10.65 12.45
N PRO D 56 17.15 -11.49 12.20
CA PRO D 56 17.41 -12.90 11.93
C PRO D 56 17.92 -13.20 10.53
N SER D 57 18.79 -14.20 10.42
CA SER D 57 19.07 -14.84 9.14
C SER D 57 17.80 -15.45 8.56
N ALA D 58 17.79 -15.78 7.26
CA ALA D 58 16.60 -16.37 6.67
C ALA D 58 16.26 -17.68 7.41
N SER D 59 17.29 -18.47 7.71
CA SER D 59 17.11 -19.75 8.39
C SER D 59 16.50 -19.52 9.77
N ALA D 60 17.02 -18.54 10.51
CA ALA D 60 16.54 -18.23 11.84
C ALA D 60 15.12 -17.63 11.79
N PHE D 61 14.83 -16.83 10.78
CA PHE D 61 13.51 -16.22 10.63
C PHE D 61 12.46 -17.35 10.61
N PHE D 62 12.70 -18.36 9.78
CA PHE D 62 11.78 -19.47 9.66
C PHE D 62 11.97 -20.52 10.76
N GLY D 63 13.10 -20.51 11.47
CA GLY D 63 13.35 -21.51 12.52
C GLY D 63 12.88 -21.09 13.91
N MET D 64 12.95 -19.79 14.24
CA MET D 64 12.63 -19.27 15.56
C MET D 64 11.19 -18.75 15.66
N SER D 65 10.62 -18.27 14.54
CA SER D 65 9.38 -17.51 14.58
C SER D 65 8.15 -18.41 14.62
N ARG D 66 7.04 -17.86 15.12
CA ARG D 66 5.74 -18.46 14.86
C ARG D 66 5.22 -17.88 13.55
N ILE D 67 5.01 -18.76 12.59
CA ILE D 67 4.66 -18.41 11.22
C ILE D 67 3.19 -18.78 11.00
N GLY D 68 2.47 -17.93 10.29
CA GLY D 68 1.08 -18.19 9.94
C GLY D 68 0.75 -17.65 8.55
N MET D 69 -0.43 -18.04 8.05
N MET D 69 -0.43 -18.03 8.05
CA MET D 69 -0.95 -17.57 6.79
CA MET D 69 -0.94 -17.57 6.76
C MET D 69 -2.35 -17.03 7.03
C MET D 69 -2.35 -17.04 6.97
N GLU D 70 -2.57 -15.76 6.65
CA GLU D 70 -3.88 -15.14 6.78
C GLU D 70 -4.32 -14.59 5.42
N VAL D 71 -5.59 -14.83 5.09
CA VAL D 71 -6.20 -14.31 3.89
C VAL D 71 -7.30 -13.34 4.30
N THR D 72 -7.21 -12.11 3.81
CA THR D 72 -8.18 -11.07 4.11
C THR D 72 -8.62 -10.42 2.79
N PRO D 73 -9.69 -9.58 2.78
CA PRO D 73 -10.04 -8.86 1.56
C PRO D 73 -8.89 -8.06 0.95
N SER D 74 -7.95 -7.60 1.78
CA SER D 74 -6.89 -6.72 1.35
C SER D 74 -5.61 -7.48 1.00
N GLY D 75 -5.57 -8.82 1.07
CA GLY D 75 -4.35 -9.54 0.68
C GLY D 75 -4.18 -10.91 1.36
N THR D 76 -3.12 -11.59 0.93
CA THR D 76 -2.66 -12.85 1.48
C THR D 76 -1.31 -12.60 2.17
N TRP D 77 -1.21 -12.98 3.46
CA TRP D 77 -0.16 -12.53 4.35
C TRP D 77 0.52 -13.70 5.03
N LEU D 78 1.86 -13.64 5.05
CA LEU D 78 2.66 -14.54 5.86
C LEU D 78 2.98 -13.81 7.16
N THR D 79 2.35 -14.23 8.26
CA THR D 79 2.53 -13.57 9.54
C THR D 79 3.73 -14.17 10.29
N TYR D 80 4.39 -13.36 11.12
CA TYR D 80 5.51 -13.82 11.92
C TYR D 80 5.56 -13.10 13.27
N THR D 81 5.98 -13.83 14.31
CA THR D 81 6.18 -13.26 15.64
CA THR D 81 6.19 -13.27 15.64
C THR D 81 7.31 -14.02 16.35
N GLY D 82 8.00 -13.33 17.29
CA GLY D 82 9.05 -13.94 18.07
C GLY D 82 9.66 -12.97 19.07
N ALA D 83 10.67 -13.48 19.79
CA ALA D 83 11.44 -12.73 20.77
C ALA D 83 12.90 -13.18 20.70
N ILE D 84 13.81 -12.22 20.80
CA ILE D 84 15.25 -12.44 20.72
C ILE D 84 15.91 -11.93 22.00
N LYS D 85 16.66 -12.79 22.69
CA LYS D 85 17.24 -12.42 23.98
C LYS D 85 18.55 -11.64 23.75
N LEU D 86 18.69 -10.49 24.41
CA LEU D 86 19.96 -9.78 24.41
C LEU D 86 20.95 -10.50 25.35
N ASP D 87 22.24 -10.39 25.01
CA ASP D 87 23.29 -11.04 25.80
C ASP D 87 23.81 -10.05 26.85
N ASP D 88 23.42 -10.25 28.12
CA ASP D 88 23.77 -9.27 29.14
C ASP D 88 25.21 -9.44 29.62
N LYS D 89 25.97 -10.39 29.05
CA LYS D 89 27.41 -10.52 29.30
C LYS D 89 28.23 -9.76 28.25
N ASP D 90 27.59 -9.20 27.21
CA ASP D 90 28.30 -8.41 26.21
C ASP D 90 28.64 -7.07 26.87
N PRO D 91 29.91 -6.60 26.84
CA PRO D 91 30.21 -5.27 27.36
C PRO D 91 29.39 -4.12 26.77
N ASN D 92 28.85 -4.32 25.55
CA ASN D 92 28.07 -3.31 24.89
C ASN D 92 26.57 -3.40 25.25
N PHE D 93 26.19 -4.29 26.16
CA PHE D 93 24.77 -4.53 26.48
C PHE D 93 24.03 -3.26 26.89
N LYS D 94 24.55 -2.47 27.84
CA LYS D 94 23.82 -1.31 28.31
C LYS D 94 23.57 -0.32 27.17
N ASP D 95 24.61 -0.09 26.34
CA ASP D 95 24.49 0.78 25.17
C ASP D 95 23.47 0.24 24.16
N GLN D 96 23.42 -1.08 23.96
CA GLN D 96 22.44 -1.67 23.06
C GLN D 96 21.01 -1.41 23.53
N VAL D 97 20.74 -1.55 24.83
CA VAL D 97 19.39 -1.30 25.33
C VAL D 97 19.00 0.17 25.15
N ILE D 98 19.94 1.10 25.43
CA ILE D 98 19.69 2.52 25.23
C ILE D 98 19.41 2.79 23.74
N LEU D 99 20.21 2.20 22.86
CA LEU D 99 20.07 2.43 21.43
C LEU D 99 18.71 1.94 20.93
N LEU D 100 18.32 0.70 21.26
CA LEU D 100 17.05 0.17 20.83
C LEU D 100 15.88 1.02 21.35
N ASN D 101 15.97 1.44 22.62
CA ASN D 101 14.90 2.24 23.20
C ASN D 101 14.82 3.63 22.55
N LYS D 102 15.96 4.17 22.08
CA LYS D 102 15.98 5.45 21.39
C LYS D 102 15.18 5.38 20.09
N HIS D 103 15.17 4.22 19.40
CA HIS D 103 14.50 4.09 18.13
C HIS D 103 13.08 3.53 18.20
N ILE D 104 12.75 2.73 19.23
CA ILE D 104 11.38 2.22 19.36
C ILE D 104 10.41 3.36 19.68
N ASP D 105 9.43 3.56 18.79
CA ASP D 105 8.41 4.60 18.96
C ASP D 105 9.00 6.01 19.04
N ALA D 106 10.16 6.24 18.42
CA ALA D 106 10.80 7.55 18.41
C ALA D 106 9.89 8.60 17.78
N TYR D 107 9.06 8.18 16.82
CA TYR D 107 8.22 9.11 16.05
C TYR D 107 7.30 9.92 16.98
N LYS D 108 7.01 9.40 18.18
N LYS D 108 7.02 9.41 18.18
CA LYS D 108 6.11 10.09 19.09
CA LYS D 108 6.11 10.09 19.09
C LYS D 108 6.65 11.45 19.53
C LYS D 108 6.65 11.45 19.53
N THR D 109 7.98 11.66 19.48
CA THR D 109 8.56 12.92 19.92
C THR D 109 9.29 13.67 18.80
N PHE D 110 8.96 13.39 17.52
CA PHE D 110 9.53 14.19 16.43
C PHE D 110 8.98 15.60 16.54
N PRO D 111 9.83 16.67 16.54
CA PRO D 111 9.34 18.04 16.55
C PRO D 111 8.41 18.33 15.35
N LYS E 3 8.98 13.27 -29.22
CA LYS E 3 9.99 14.17 -28.58
C LYS E 3 11.14 13.33 -28.01
N LYS E 4 12.13 14.03 -27.44
CA LYS E 4 13.35 13.39 -26.98
C LYS E 4 13.07 12.48 -25.80
N PRO E 5 13.88 11.42 -25.65
CA PRO E 5 13.97 10.65 -24.41
C PRO E 5 14.25 11.62 -23.26
N ARG E 6 13.69 11.33 -22.09
CA ARG E 6 13.71 12.24 -20.96
C ARG E 6 15.14 12.62 -20.63
N GLN E 7 16.06 11.65 -20.65
CA GLN E 7 17.43 11.87 -20.23
C GLN E 7 18.19 12.83 -21.17
N LYS E 8 17.65 13.07 -22.39
CA LYS E 8 18.31 13.97 -23.31
C LYS E 8 17.66 15.36 -23.37
N ARG E 9 16.59 15.57 -22.59
CA ARG E 9 15.87 16.85 -22.61
C ARG E 9 16.72 17.97 -21.99
N THR E 10 16.44 19.19 -22.44
CA THR E 10 17.06 20.40 -21.91
C THR E 10 15.95 21.35 -21.47
N ALA E 11 15.89 21.66 -20.16
CA ALA E 11 14.88 22.60 -19.66
C ALA E 11 15.32 24.03 -19.96
N THR E 12 14.31 24.88 -20.26
CA THR E 12 14.50 26.29 -20.56
C THR E 12 13.24 27.04 -20.11
N LYS E 13 13.24 28.36 -20.27
CA LYS E 13 12.02 29.13 -20.05
C LYS E 13 10.84 28.62 -20.87
N ALA E 14 11.08 28.18 -22.12
CA ALA E 14 10.02 27.71 -23.00
C ALA E 14 9.54 26.30 -22.63
N TYR E 15 10.39 25.50 -21.97
CA TYR E 15 10.10 24.10 -21.66
C TYR E 15 10.68 23.81 -20.27
N ASN E 16 9.93 24.11 -19.21
CA ASN E 16 10.54 24.29 -17.89
C ASN E 16 10.83 22.93 -17.24
N VAL E 17 11.38 22.96 -16.00
CA VAL E 17 11.80 21.74 -15.33
C VAL E 17 10.59 20.84 -15.03
N THR E 18 9.43 21.44 -14.69
CA THR E 18 8.23 20.68 -14.40
C THR E 18 7.75 19.97 -15.68
N GLN E 19 7.75 20.70 -16.80
CA GLN E 19 7.28 20.19 -18.07
C GLN E 19 8.19 19.05 -18.54
N ALA E 20 9.52 19.21 -18.38
CA ALA E 20 10.49 18.27 -18.91
C ALA E 20 10.72 17.08 -17.98
N PHE E 21 10.71 17.32 -16.65
CA PHE E 21 11.22 16.36 -15.67
C PHE E 21 10.23 16.03 -14.55
N GLY E 22 9.03 16.63 -14.58
CA GLY E 22 8.01 16.34 -13.57
C GLY E 22 8.09 17.22 -12.32
N ARG E 23 7.02 17.21 -11.51
CA ARG E 23 7.01 18.00 -10.29
C ARG E 23 8.08 17.48 -9.33
N ARG E 24 8.66 18.39 -8.56
CA ARG E 24 9.58 17.99 -7.50
C ARG E 24 8.81 17.15 -6.48
N GLY E 25 9.51 16.20 -5.82
CA GLY E 25 8.87 15.35 -4.83
C GLY E 25 9.85 14.43 -4.11
N PRO E 26 9.37 13.63 -3.11
CA PRO E 26 10.26 12.78 -2.31
C PRO E 26 10.35 11.30 -2.70
N GLU E 27 9.60 10.90 -3.74
CA GLU E 27 9.58 9.52 -4.16
C GLU E 27 10.81 9.22 -5.02
N GLN E 28 11.02 7.93 -5.30
CA GLN E 28 12.29 7.46 -5.83
C GLN E 28 12.54 8.02 -7.23
N THR E 29 11.53 8.01 -8.12
CA THR E 29 11.76 8.48 -9.48
C THR E 29 11.22 9.91 -9.65
N GLN E 30 11.06 10.67 -8.55
CA GLN E 30 10.91 12.12 -8.63
C GLN E 30 12.22 12.85 -8.36
N GLY E 31 12.46 13.95 -9.11
CA GLY E 31 13.55 14.87 -8.82
C GLY E 31 13.25 15.77 -7.62
N ASN E 32 14.28 16.14 -6.85
CA ASN E 32 14.12 16.96 -5.67
C ASN E 32 14.82 18.32 -5.80
N PHE E 33 15.44 18.63 -6.95
CA PHE E 33 16.35 19.77 -7.06
C PHE E 33 15.71 20.94 -7.83
N GLY E 34 15.80 22.13 -7.24
CA GLY E 34 15.38 23.36 -7.89
C GLY E 34 14.45 24.20 -7.01
N ASP E 35 14.83 25.45 -6.82
CA ASP E 35 13.90 26.44 -6.29
C ASP E 35 12.98 26.95 -7.41
N GLN E 36 12.07 27.87 -7.08
CA GLN E 36 11.06 28.29 -8.04
C GLN E 36 11.70 28.96 -9.27
N GLU E 37 12.79 29.69 -9.06
CA GLU E 37 13.48 30.38 -10.14
C GLU E 37 14.12 29.39 -11.12
N LEU E 38 14.84 28.37 -10.61
CA LEU E 38 15.45 27.39 -11.49
C LEU E 38 14.39 26.54 -12.18
N ILE E 39 13.31 26.19 -11.47
CA ILE E 39 12.25 25.40 -12.06
C ILE E 39 11.70 26.14 -13.29
N ARG E 40 11.47 27.45 -13.12
N ARG E 40 11.48 27.45 -13.12
CA ARG E 40 10.88 28.25 -14.19
CA ARG E 40 10.89 28.28 -14.16
C ARG E 40 11.82 28.39 -15.39
C ARG E 40 11.82 28.41 -15.36
N GLN E 41 13.13 28.53 -15.12
CA GLN E 41 14.08 28.98 -16.14
C GLN E 41 14.98 27.87 -16.70
N GLY E 42 15.17 26.77 -15.97
CA GLY E 42 16.09 25.73 -16.44
C GLY E 42 17.48 26.28 -16.76
N THR E 43 18.00 25.93 -17.96
CA THR E 43 19.35 26.30 -18.38
C THR E 43 19.48 27.81 -18.63
N ASP E 44 18.34 28.53 -18.62
CA ASP E 44 18.35 29.99 -18.72
C ASP E 44 18.61 30.67 -17.37
N TYR E 45 18.62 29.90 -16.27
CA TYR E 45 18.93 30.43 -14.94
C TYR E 45 20.31 31.09 -14.91
N LYS E 46 20.43 32.23 -14.22
CA LYS E 46 21.65 33.02 -14.28
C LYS E 46 22.85 32.26 -13.72
N HIS E 47 22.63 31.38 -12.74
CA HIS E 47 23.73 30.63 -12.15
C HIS E 47 23.77 29.18 -12.65
N TRP E 48 23.18 28.91 -13.81
CA TRP E 48 23.21 27.56 -14.37
C TRP E 48 24.64 27.05 -14.59
N PRO E 49 25.60 27.82 -15.16
CA PRO E 49 26.95 27.29 -15.33
C PRO E 49 27.61 26.77 -14.04
N GLN E 50 27.29 27.41 -12.93
CA GLN E 50 27.90 27.04 -11.66
C GLN E 50 27.32 25.74 -11.09
N ILE E 51 26.11 25.36 -11.54
CA ILE E 51 25.48 24.07 -11.23
C ILE E 51 25.97 23.00 -12.21
N ALA E 52 25.98 23.32 -13.50
CA ALA E 52 26.36 22.38 -14.55
C ALA E 52 27.79 21.86 -14.42
N GLN E 53 28.68 22.58 -13.74
CA GLN E 53 30.06 22.17 -13.58
C GLN E 53 30.15 20.87 -12.78
N PHE E 54 29.05 20.52 -12.09
CA PHE E 54 29.02 19.31 -11.28
C PHE E 54 28.35 18.14 -12.02
N ALA E 55 27.71 18.38 -13.18
CA ALA E 55 27.08 17.30 -13.92
C ALA E 55 28.13 16.46 -14.64
N PRO E 56 27.96 15.13 -14.71
CA PRO E 56 28.97 14.28 -15.37
C PRO E 56 28.88 14.17 -16.89
N SER E 57 30.05 14.06 -17.52
CA SER E 57 30.14 13.62 -18.91
C SER E 57 29.52 12.23 -19.06
N ALA E 58 29.17 11.83 -20.28
CA ALA E 58 28.62 10.49 -20.47
C ALA E 58 29.60 9.43 -19.98
N SER E 59 30.90 9.62 -20.27
CA SER E 59 31.93 8.68 -19.86
C SER E 59 31.98 8.59 -18.33
N ALA E 60 31.95 9.75 -17.65
CA ALA E 60 32.00 9.76 -16.19
C ALA E 60 30.71 9.21 -15.55
N PHE E 61 29.56 9.48 -16.17
CA PHE E 61 28.30 8.94 -15.67
C PHE E 61 28.40 7.40 -15.55
N PHE E 62 28.84 6.76 -16.64
CA PHE E 62 29.01 5.30 -16.67
C PHE E 62 30.27 4.82 -15.96
N GLY E 63 31.28 5.69 -15.75
CA GLY E 63 32.50 5.29 -15.10
C GLY E 63 32.52 5.41 -13.57
N MET E 64 31.84 6.44 -13.04
N MET E 64 31.84 6.44 -13.04
CA MET E 64 31.86 6.77 -11.62
CA MET E 64 31.87 6.75 -11.61
C MET E 64 30.71 6.09 -10.87
C MET E 64 30.70 6.08 -10.87
N SER E 65 29.58 5.86 -11.54
CA SER E 65 28.34 5.45 -10.88
C SER E 65 28.26 3.96 -10.59
N ARG E 66 27.40 3.62 -9.64
CA ARG E 66 26.89 2.27 -9.50
C ARG E 66 25.65 2.16 -10.38
N ILE E 67 25.72 1.30 -11.40
CA ILE E 67 24.68 1.11 -12.39
C ILE E 67 23.97 -0.22 -12.12
N GLY E 68 22.64 -0.23 -12.32
CA GLY E 68 21.84 -1.43 -12.17
C GLY E 68 20.68 -1.46 -13.16
N MET E 69 19.94 -2.58 -13.20
N MET E 69 19.98 -2.60 -13.21
CA MET E 69 18.77 -2.67 -14.08
CA MET E 69 18.78 -2.73 -14.01
C MET E 69 17.65 -3.37 -13.33
C MET E 69 17.67 -3.27 -13.12
N GLU E 70 16.46 -2.74 -13.29
CA GLU E 70 15.32 -3.25 -12.54
C GLU E 70 14.15 -3.43 -13.52
N VAL E 71 13.57 -4.64 -13.52
CA VAL E 71 12.44 -4.96 -14.39
C VAL E 71 11.20 -4.95 -13.50
N THR E 72 10.18 -4.21 -13.95
CA THR E 72 8.94 -4.03 -13.20
C THR E 72 7.76 -4.19 -14.15
N PRO E 73 6.50 -4.23 -13.64
CA PRO E 73 5.33 -4.22 -14.53
C PRO E 73 5.29 -3.07 -15.53
N SER E 74 5.89 -1.92 -15.18
CA SER E 74 5.80 -0.74 -16.02
C SER E 74 6.91 -0.71 -17.07
N GLY E 75 7.95 -1.54 -16.90
CA GLY E 75 9.05 -1.59 -17.86
C GLY E 75 10.39 -1.92 -17.24
N THR E 76 11.46 -1.62 -17.99
CA THR E 76 12.84 -1.86 -17.59
C THR E 76 13.51 -0.51 -17.34
N TRP E 77 14.22 -0.42 -16.19
CA TRP E 77 14.78 0.81 -15.70
C TRP E 77 16.30 0.67 -15.42
N LEU E 78 17.09 1.63 -15.92
CA LEU E 78 18.52 1.69 -15.64
CA LEU E 78 18.51 1.70 -15.63
C LEU E 78 18.71 2.59 -14.41
N THR E 79 19.22 2.01 -13.32
CA THR E 79 19.38 2.74 -12.06
C THR E 79 20.83 3.25 -11.94
N TYR E 80 20.99 4.37 -11.22
CA TYR E 80 22.29 4.99 -11.02
C TYR E 80 22.40 5.67 -9.68
N THR E 81 23.58 5.55 -9.03
CA THR E 81 23.89 6.22 -7.77
CA THR E 81 23.89 6.23 -7.78
C THR E 81 25.38 6.55 -7.75
N GLY E 82 25.74 7.65 -7.08
CA GLY E 82 27.13 7.98 -6.94
C GLY E 82 27.32 9.24 -6.10
N ALA E 83 28.56 9.69 -6.02
CA ALA E 83 28.90 10.94 -5.34
C ALA E 83 30.07 11.62 -6.03
N ILE E 84 30.08 12.96 -5.98
CA ILE E 84 31.05 13.81 -6.64
C ILE E 84 31.66 14.70 -5.56
N LYS E 85 32.99 14.66 -5.39
CA LYS E 85 33.66 15.49 -4.40
C LYS E 85 33.82 16.92 -4.92
N LEU E 86 33.44 17.90 -4.09
CA LEU E 86 33.76 19.29 -4.36
C LEU E 86 35.24 19.53 -4.03
N ASP E 87 35.87 20.46 -4.77
CA ASP E 87 37.28 20.76 -4.61
C ASP E 87 37.44 21.89 -3.59
N ASP E 88 37.97 21.56 -2.42
CA ASP E 88 38.03 22.53 -1.33
C ASP E 88 39.17 23.53 -1.54
N LYS E 89 40.01 23.35 -2.56
CA LYS E 89 40.99 24.37 -2.91
C LYS E 89 40.46 25.36 -3.95
N ASP E 90 39.26 25.13 -4.50
CA ASP E 90 38.63 26.07 -5.41
C ASP E 90 38.27 27.33 -4.62
N PRO E 91 38.68 28.54 -5.05
CA PRO E 91 38.27 29.77 -4.36
C PRO E 91 36.76 30.01 -4.24
N ASN E 92 35.96 29.32 -5.06
CA ASN E 92 34.51 29.48 -5.07
C ASN E 92 33.80 28.37 -4.28
N PHE E 93 34.53 27.56 -3.52
CA PHE E 93 33.97 26.43 -2.79
C PHE E 93 32.78 26.81 -1.89
N LYS E 94 32.95 27.80 -1.00
CA LYS E 94 31.88 28.16 -0.08
C LYS E 94 30.60 28.52 -0.84
N ASP E 95 30.74 29.26 -1.95
CA ASP E 95 29.62 29.75 -2.74
C ASP E 95 28.92 28.61 -3.51
N GLN E 96 29.72 27.64 -3.95
CA GLN E 96 29.25 26.40 -4.56
C GLN E 96 28.34 25.64 -3.60
N VAL E 97 28.80 25.47 -2.34
CA VAL E 97 28.00 24.79 -1.34
C VAL E 97 26.67 25.52 -1.10
N ILE E 98 26.73 26.85 -0.95
CA ILE E 98 25.53 27.65 -0.67
C ILE E 98 24.52 27.51 -1.82
N LEU E 99 25.01 27.55 -3.07
CA LEU E 99 24.16 27.46 -4.25
C LEU E 99 23.46 26.10 -4.35
N LEU E 100 24.24 25.02 -4.20
CA LEU E 100 23.67 23.68 -4.25
C LEU E 100 22.64 23.47 -3.14
N ASN E 101 22.95 23.89 -1.90
CA ASN E 101 22.03 23.76 -0.78
C ASN E 101 20.73 24.53 -0.99
N LYS E 102 20.80 25.69 -1.65
CA LYS E 102 19.64 26.53 -1.94
C LYS E 102 18.60 25.77 -2.76
N HIS E 103 19.06 24.90 -3.67
CA HIS E 103 18.19 24.18 -4.60
C HIS E 103 17.76 22.80 -4.10
N ILE E 104 18.56 22.15 -3.23
CA ILE E 104 18.21 20.83 -2.75
C ILE E 104 16.98 20.92 -1.84
N ASP E 105 15.87 20.25 -2.24
CA ASP E 105 14.66 20.10 -1.45
C ASP E 105 13.97 21.46 -1.22
N ALA E 106 14.26 22.43 -2.10
CA ALA E 106 13.62 23.74 -2.03
C ALA E 106 12.10 23.61 -2.07
N TYR E 107 11.57 22.60 -2.78
CA TYR E 107 10.13 22.45 -2.97
C TYR E 107 9.38 22.29 -1.64
N LYS E 108 10.06 21.86 -0.58
CA LYS E 108 9.41 21.69 0.72
C LYS E 108 9.05 23.06 1.32
N THR E 109 9.80 24.11 0.98
CA THR E 109 9.60 25.44 1.56
C THR E 109 8.66 26.30 0.71
N PHE E 110 8.11 25.75 -0.38
CA PHE E 110 7.22 26.50 -1.25
C PHE E 110 5.88 26.75 -0.53
N LYS F 3 44.43 19.26 -14.37
CA LYS F 3 43.80 18.07 -13.75
C LYS F 3 42.28 18.28 -13.74
N LYS F 4 41.58 17.66 -14.69
CA LYS F 4 40.14 17.82 -14.82
C LYS F 4 39.45 17.21 -13.59
N PRO F 5 38.39 17.86 -13.07
CA PRO F 5 37.51 17.22 -12.08
C PRO F 5 37.02 15.88 -12.64
N ARG F 6 36.89 14.90 -11.75
N ARG F 6 36.91 14.89 -11.73
CA ARG F 6 36.60 13.53 -12.17
CA ARG F 6 36.57 13.51 -12.06
C ARG F 6 35.34 13.50 -13.03
C ARG F 6 35.34 13.46 -12.97
N GLN F 7 34.32 14.27 -12.67
CA GLN F 7 33.04 14.22 -13.33
C GLN F 7 33.10 14.73 -14.78
N LYS F 8 34.18 15.47 -15.15
CA LYS F 8 34.30 16.00 -16.50
C LYS F 8 35.31 15.21 -17.34
N ARG F 9 35.91 14.14 -16.79
CA ARG F 9 36.87 13.35 -17.56
C ARG F 9 36.17 12.50 -18.64
N THR F 10 36.95 12.19 -19.68
CA THR F 10 36.54 11.31 -20.77
C THR F 10 37.57 10.18 -20.89
N ALA F 11 37.12 8.94 -20.71
CA ALA F 11 37.99 7.78 -20.87
C ALA F 11 38.16 7.46 -22.36
N THR F 12 39.42 7.16 -22.74
CA THR F 12 39.79 6.67 -24.06
C THR F 12 40.84 5.57 -23.90
N LYS F 13 41.34 5.00 -25.01
CA LYS F 13 42.36 3.96 -24.89
C LYS F 13 43.61 4.47 -24.15
N ALA F 14 44.02 5.74 -24.35
CA ALA F 14 45.21 6.27 -23.72
C ALA F 14 45.01 6.68 -22.26
N TYR F 15 43.75 6.79 -21.81
CA TYR F 15 43.41 7.22 -20.47
C TYR F 15 42.08 6.53 -20.12
N ASN F 16 42.19 5.27 -19.68
CA ASN F 16 41.05 4.34 -19.80
C ASN F 16 40.11 4.46 -18.59
N VAL F 17 39.12 3.57 -18.47
CA VAL F 17 38.14 3.69 -17.40
C VAL F 17 38.79 3.52 -16.02
N THR F 18 39.72 2.57 -15.90
CA THR F 18 40.45 2.38 -14.65
C THR F 18 41.22 3.65 -14.26
N GLN F 19 41.93 4.22 -15.24
CA GLN F 19 42.77 5.37 -15.00
C GLN F 19 41.96 6.62 -14.65
N ALA F 20 40.84 6.86 -15.33
CA ALA F 20 40.07 8.07 -15.12
C ALA F 20 39.16 7.98 -13.89
N PHE F 21 38.61 6.78 -13.66
CA PHE F 21 37.51 6.60 -12.72
C PHE F 21 37.75 5.51 -11.70
N GLY F 22 38.94 4.93 -11.65
CA GLY F 22 39.28 3.93 -10.65
C GLY F 22 38.94 2.50 -11.06
N ARG F 23 39.57 1.55 -10.39
CA ARG F 23 39.27 0.15 -10.59
C ARG F 23 37.80 -0.12 -10.26
N ARG F 24 37.14 -0.95 -11.07
CA ARG F 24 35.77 -1.37 -10.78
C ARG F 24 35.75 -2.11 -9.46
N GLY F 25 34.66 -1.96 -8.71
CA GLY F 25 34.51 -2.63 -7.44
C GLY F 25 33.13 -2.38 -6.83
N PRO F 26 32.89 -2.93 -5.62
CA PRO F 26 31.56 -2.95 -4.99
C PRO F 26 31.19 -1.82 -4.02
N GLU F 27 32.14 -0.98 -3.63
CA GLU F 27 31.88 0.01 -2.58
C GLU F 27 31.14 1.23 -3.12
N GLN F 28 30.60 2.07 -2.22
CA GLN F 28 29.57 3.05 -2.59
C GLN F 28 30.00 4.03 -3.70
N THR F 29 31.21 4.60 -3.63
CA THR F 29 31.66 5.55 -4.65
C THR F 29 32.68 4.91 -5.61
N GLN F 30 32.68 3.59 -5.71
CA GLN F 30 33.37 2.92 -6.81
C GLN F 30 32.41 2.60 -7.93
N GLY F 31 32.92 2.62 -9.16
CA GLY F 31 32.12 2.25 -10.32
C GLY F 31 32.09 0.75 -10.50
N ASN F 32 30.93 0.23 -10.97
CA ASN F 32 30.79 -1.19 -11.20
C ASN F 32 30.59 -1.55 -12.68
N PHE F 33 30.65 -0.59 -13.61
CA PHE F 33 30.23 -0.80 -14.99
C PHE F 33 31.42 -0.93 -15.93
N GLY F 34 31.38 -2.00 -16.75
CA GLY F 34 32.29 -2.21 -17.87
C GLY F 34 32.88 -3.61 -17.87
N ASP F 35 32.83 -4.25 -19.03
CA ASP F 35 33.55 -5.49 -19.26
C ASP F 35 35.00 -5.16 -19.63
N GLN F 36 35.83 -6.19 -19.91
CA GLN F 36 37.25 -5.95 -20.16
C GLN F 36 37.49 -4.98 -21.32
N GLU F 37 36.71 -5.13 -22.40
CA GLU F 37 36.88 -4.32 -23.59
C GLU F 37 36.49 -2.85 -23.33
N LEU F 38 35.36 -2.62 -22.67
CA LEU F 38 34.98 -1.23 -22.40
C LEU F 38 35.95 -0.61 -21.39
N ILE F 39 36.41 -1.35 -20.38
CA ILE F 39 37.35 -0.77 -19.43
C ILE F 39 38.60 -0.27 -20.17
N ARG F 40 39.07 -1.06 -21.15
CA ARG F 40 40.29 -0.73 -21.89
C ARG F 40 40.11 0.41 -22.88
N GLN F 41 38.91 0.54 -23.49
N GLN F 41 38.91 0.56 -23.47
CA GLN F 41 38.70 1.43 -24.61
CA GLN F 41 38.76 1.47 -24.60
C GLN F 41 37.98 2.73 -24.23
C GLN F 41 37.96 2.73 -24.25
N GLY F 42 37.13 2.71 -23.19
CA GLY F 42 36.37 3.91 -22.86
C GLY F 42 35.48 4.33 -24.03
N THR F 43 35.50 5.61 -24.39
CA THR F 43 34.65 6.12 -25.46
C THR F 43 35.11 5.64 -26.85
N ASP F 44 36.26 4.96 -26.94
CA ASP F 44 36.69 4.29 -28.16
C ASP F 44 36.02 2.94 -28.36
N TYR F 45 35.27 2.45 -27.35
CA TYR F 45 34.56 1.17 -27.44
C TYR F 45 33.62 1.13 -28.65
N LYS F 46 33.55 -0.04 -29.30
N LYS F 46 33.54 -0.04 -29.32
CA LYS F 46 32.77 -0.20 -30.54
CA LYS F 46 32.77 -0.17 -30.54
C LYS F 46 31.28 0.13 -30.35
C LYS F 46 31.28 0.15 -30.35
N HIS F 47 30.73 -0.11 -29.15
CA HIS F 47 29.32 0.14 -28.88
C HIS F 47 29.12 1.29 -27.90
N TRP F 48 30.09 2.22 -27.81
CA TRP F 48 29.95 3.36 -26.92
C TRP F 48 28.71 4.18 -27.25
N PRO F 49 28.39 4.53 -28.53
CA PRO F 49 27.19 5.30 -28.80
C PRO F 49 25.94 4.67 -28.23
N GLN F 50 25.80 3.34 -28.27
CA GLN F 50 24.61 2.67 -27.80
C GLN F 50 24.50 2.74 -26.26
N ILE F 51 25.62 2.94 -25.55
CA ILE F 51 25.61 3.16 -24.11
C ILE F 51 25.28 4.64 -23.82
N ALA F 52 25.99 5.55 -24.50
CA ALA F 52 25.91 6.98 -24.25
C ALA F 52 24.50 7.52 -24.41
N GLN F 53 23.65 6.88 -25.24
CA GLN F 53 22.27 7.33 -25.45
C GLN F 53 21.47 7.34 -24.13
N PHE F 54 21.95 6.63 -23.09
CA PHE F 54 21.29 6.61 -21.78
C PHE F 54 21.89 7.62 -20.80
N ALA F 55 23.04 8.23 -21.11
CA ALA F 55 23.62 9.19 -20.19
C ALA F 55 22.85 10.51 -20.24
N PRO F 56 22.59 11.15 -19.08
CA PRO F 56 21.80 12.38 -19.06
C PRO F 56 22.54 13.66 -19.42
N SER F 57 21.82 14.58 -20.09
CA SER F 57 22.29 15.94 -20.22
C SER F 57 22.49 16.55 -18.83
N ALA F 58 23.21 17.67 -18.75
CA ALA F 58 23.37 18.35 -17.46
C ALA F 58 22.01 18.76 -16.89
N SER F 59 21.13 19.28 -17.76
CA SER F 59 19.79 19.66 -17.35
C SER F 59 18.99 18.47 -16.81
N ALA F 60 19.06 17.31 -17.48
CA ALA F 60 18.33 16.13 -17.02
C ALA F 60 18.97 15.55 -15.76
N PHE F 61 20.30 15.62 -15.64
CA PHE F 61 20.97 15.12 -14.45
C PHE F 61 20.42 15.83 -13.21
N PHE F 62 20.34 17.17 -13.26
CA PHE F 62 19.83 17.93 -12.12
C PHE F 62 18.29 17.99 -12.06
N GLY F 63 17.60 17.64 -13.15
CA GLY F 63 16.14 17.65 -13.18
C GLY F 63 15.50 16.33 -12.77
N MET F 64 16.16 15.19 -13.09
N MET F 64 16.18 15.21 -13.08
CA MET F 64 15.62 13.88 -12.82
CA MET F 64 15.61 13.89 -12.83
C MET F 64 16.06 13.35 -11.46
C MET F 64 16.07 13.32 -11.48
N SER F 65 17.30 13.66 -11.07
CA SER F 65 17.93 12.93 -9.99
C SER F 65 17.47 13.41 -8.61
N ARG F 66 17.72 12.55 -7.61
CA ARG F 66 17.66 12.96 -6.22
C ARG F 66 19.04 13.39 -5.78
N ILE F 67 19.21 14.68 -5.46
CA ILE F 67 20.49 15.31 -5.14
C ILE F 67 20.58 15.54 -3.64
N GLY F 68 21.76 15.33 -3.07
CA GLY F 68 22.05 15.58 -1.66
C GLY F 68 23.46 16.09 -1.47
N MET F 69 23.77 16.48 -0.23
N MET F 69 23.81 16.46 -0.23
CA MET F 69 25.09 16.96 0.15
CA MET F 69 25.14 16.93 0.08
C MET F 69 25.50 16.25 1.45
C MET F 69 25.57 16.39 1.44
N GLU F 70 26.73 15.72 1.48
CA GLU F 70 27.22 15.10 2.71
C GLU F 70 28.58 15.69 3.07
N VAL F 71 28.72 16.05 4.34
CA VAL F 71 29.95 16.64 4.83
C VAL F 71 30.62 15.62 5.75
N THR F 72 31.85 15.21 5.41
CA THR F 72 32.53 14.12 6.10
C THR F 72 34.01 14.50 6.30
N PRO F 73 34.81 13.65 7.00
CA PRO F 73 36.22 13.97 7.20
C PRO F 73 37.03 14.15 5.92
N SER F 74 36.55 13.57 4.80
CA SER F 74 37.26 13.68 3.54
C SER F 74 36.85 14.91 2.72
N GLY F 75 35.76 15.57 3.11
CA GLY F 75 35.31 16.78 2.42
C GLY F 75 33.79 16.86 2.27
N THR F 76 33.36 17.66 1.29
CA THR F 76 31.97 17.85 0.96
C THR F 76 31.70 17.16 -0.39
N TRP F 77 30.65 16.33 -0.39
CA TRP F 77 30.30 15.44 -1.49
C TRP F 77 28.88 15.73 -1.94
N LEU F 78 28.70 15.91 -3.26
CA LEU F 78 27.38 16.00 -3.86
C LEU F 78 26.93 14.59 -4.23
N THR F 79 25.83 14.12 -3.63
CA THR F 79 25.32 12.79 -3.91
C THR F 79 24.20 12.82 -4.95
N TYR F 80 24.02 11.72 -5.69
CA TYR F 80 23.01 11.61 -6.74
C TYR F 80 22.48 10.19 -6.84
N THR F 81 21.18 10.08 -7.12
N THR F 81 21.16 10.06 -7.06
CA THR F 81 20.55 8.79 -7.39
CA THR F 81 20.52 8.78 -7.34
C THR F 81 19.38 9.02 -8.32
C THR F 81 19.36 9.01 -8.30
N GLY F 82 19.08 8.04 -9.17
CA GLY F 82 17.95 8.16 -10.04
C GLY F 82 17.77 6.92 -10.90
N ALA F 83 16.88 7.02 -11.90
CA ALA F 83 16.61 5.91 -12.81
C ALA F 83 16.12 6.44 -14.15
N ILE F 84 16.47 5.70 -15.20
CA ILE F 84 16.12 6.08 -16.56
C ILE F 84 15.37 4.91 -17.21
N LYS F 85 14.14 5.14 -17.69
CA LYS F 85 13.32 4.07 -18.25
C LYS F 85 13.76 3.81 -19.68
N LEU F 86 13.95 2.54 -20.04
CA LEU F 86 14.20 2.17 -21.43
C LEU F 86 12.88 2.21 -22.20
N ASP F 87 12.98 2.57 -23.47
CA ASP F 87 11.79 2.68 -24.34
C ASP F 87 11.50 1.32 -24.96
N ASP F 88 10.43 0.65 -24.51
CA ASP F 88 10.11 -0.68 -25.02
C ASP F 88 9.50 -0.61 -26.43
N LYS F 89 9.20 0.60 -26.94
CA LYS F 89 8.75 0.73 -28.32
C LYS F 89 9.92 0.92 -29.29
N ASP F 90 11.15 1.11 -28.78
CA ASP F 90 12.34 1.18 -29.59
C ASP F 90 12.63 -0.22 -30.13
N PRO F 91 12.77 -0.41 -31.46
CA PRO F 91 13.08 -1.73 -31.99
C PRO F 91 14.40 -2.33 -31.48
N ASN F 92 15.30 -1.46 -30.99
CA ASN F 92 16.59 -1.89 -30.45
C ASN F 92 16.53 -2.22 -28.95
N PHE F 93 15.34 -2.24 -28.34
CA PHE F 93 15.17 -2.45 -26.90
C PHE F 93 15.88 -3.73 -26.43
N LYS F 94 15.65 -4.88 -27.09
CA LYS F 94 16.21 -6.13 -26.61
C LYS F 94 17.74 -6.05 -26.63
N ASP F 95 18.30 -5.44 -27.67
CA ASP F 95 19.75 -5.33 -27.80
C ASP F 95 20.30 -4.39 -26.72
N GLN F 96 19.56 -3.33 -26.40
CA GLN F 96 20.00 -2.39 -25.39
C GLN F 96 20.09 -3.05 -24.02
N VAL F 97 19.10 -3.88 -23.69
CA VAL F 97 19.08 -4.60 -22.43
C VAL F 97 20.28 -5.55 -22.37
N ILE F 98 20.53 -6.31 -23.43
CA ILE F 98 21.68 -7.21 -23.50
C ILE F 98 22.98 -6.45 -23.26
N LEU F 99 23.15 -5.31 -23.93
CA LEU F 99 24.40 -4.56 -23.85
C LEU F 99 24.63 -4.02 -22.43
N LEU F 100 23.61 -3.45 -21.81
CA LEU F 100 23.74 -2.92 -20.46
C LEU F 100 24.07 -4.04 -19.46
N ASN F 101 23.38 -5.18 -19.57
CA ASN F 101 23.59 -6.28 -18.64
C ASN F 101 25.00 -6.87 -18.82
N LYS F 102 25.56 -6.81 -20.04
CA LYS F 102 26.90 -7.30 -20.35
C LYS F 102 27.95 -6.57 -19.53
N HIS F 103 27.69 -5.30 -19.22
CA HIS F 103 28.69 -4.44 -18.56
C HIS F 103 28.44 -4.28 -17.05
N ILE F 104 27.22 -4.44 -16.58
CA ILE F 104 26.93 -4.31 -15.15
C ILE F 104 27.58 -5.44 -14.33
N ASP F 105 28.49 -5.08 -13.41
CA ASP F 105 29.14 -6.03 -12.51
C ASP F 105 29.95 -7.09 -13.26
N ALA F 106 30.36 -6.77 -14.51
CA ALA F 106 31.16 -7.70 -15.29
C ALA F 106 32.50 -8.01 -14.61
N TYR F 107 33.07 -7.04 -13.87
CA TYR F 107 34.36 -7.21 -13.19
C TYR F 107 34.37 -8.39 -12.22
N LYS F 108 33.22 -8.87 -11.72
CA LYS F 108 33.16 -10.02 -10.83
C LYS F 108 33.64 -11.30 -11.51
N THR F 109 33.69 -11.32 -12.86
CA THR F 109 33.93 -12.54 -13.63
C THR F 109 35.35 -12.63 -14.22
N PHE F 110 36.22 -11.65 -13.97
CA PHE F 110 37.57 -11.68 -14.51
C PHE F 110 38.52 -11.03 -13.51
N PRO F 111 39.83 -11.30 -13.59
CA PRO F 111 40.78 -10.65 -12.70
C PRO F 111 40.73 -9.10 -12.78
N LYS G 4 -13.65 -28.07 6.74
CA LYS G 4 -15.07 -27.63 6.70
C LYS G 4 -15.14 -26.12 6.57
N PRO G 5 -16.07 -25.57 5.75
CA PRO G 5 -16.17 -24.12 5.57
C PRO G 5 -16.34 -23.45 6.92
N ARG G 6 -15.67 -22.32 7.09
CA ARG G 6 -15.62 -21.62 8.37
C ARG G 6 -17.02 -21.37 8.94
N GLN G 7 -17.95 -20.95 8.07
CA GLN G 7 -19.27 -20.56 8.53
C GLN G 7 -20.11 -21.72 9.05
N LYS G 8 -19.73 -23.00 8.80
CA LYS G 8 -20.53 -24.12 9.29
C LYS G 8 -19.90 -24.81 10.50
N ARG G 9 -18.78 -24.31 10.97
CA ARG G 9 -18.09 -24.91 12.10
C ARG G 9 -18.87 -24.69 13.40
N THR G 10 -18.65 -25.64 14.34
CA THR G 10 -19.23 -25.62 15.66
C THR G 10 -18.12 -25.75 16.69
N ALA G 11 -17.91 -24.71 17.52
CA ALA G 11 -16.91 -24.75 18.58
C ALA G 11 -17.45 -25.54 19.78
N THR G 12 -16.53 -26.33 20.36
CA THR G 12 -16.71 -27.17 21.54
C THR G 12 -15.41 -27.17 22.36
N LYS G 13 -15.41 -27.82 23.54
CA LYS G 13 -14.17 -27.97 24.31
C LYS G 13 -13.06 -28.63 23.49
N ALA G 14 -13.45 -29.57 22.62
CA ALA G 14 -12.51 -30.35 21.82
C ALA G 14 -12.04 -29.61 20.58
N TYR G 15 -12.78 -28.56 20.15
CA TYR G 15 -12.44 -27.74 18.99
C TYR G 15 -12.94 -26.32 19.29
N ASN G 16 -12.08 -25.52 19.91
CA ASN G 16 -12.57 -24.37 20.66
C ASN G 16 -12.68 -23.15 19.74
N VAL G 17 -13.12 -22.02 20.32
CA VAL G 17 -13.42 -20.84 19.50
C VAL G 17 -12.16 -20.36 18.79
N THR G 18 -11.00 -20.41 19.47
CA THR G 18 -9.75 -20.00 18.84
C THR G 18 -9.39 -20.93 17.68
N GLN G 19 -9.53 -22.24 17.90
CA GLN G 19 -9.21 -23.24 16.88
C GLN G 19 -10.13 -23.10 15.65
N ALA G 20 -11.43 -22.89 15.87
CA ALA G 20 -12.39 -22.83 14.78
C ALA G 20 -12.40 -21.47 14.07
N PHE G 21 -12.23 -20.37 14.82
CA PHE G 21 -12.58 -19.02 14.34
C PHE G 21 -11.45 -18.00 14.53
N GLY G 22 -10.28 -18.43 15.04
CA GLY G 22 -9.15 -17.54 15.22
C GLY G 22 -9.22 -16.75 16.54
N ARG G 23 -8.09 -16.13 16.90
CA ARG G 23 -8.00 -15.33 18.12
C ARG G 23 -8.94 -14.13 18.06
N ARG G 24 -9.48 -13.77 19.22
CA ARG G 24 -10.26 -12.55 19.42
C ARG G 24 -9.37 -11.32 19.32
N GLY G 25 -9.85 -10.27 18.66
CA GLY G 25 -9.05 -9.06 18.52
C GLY G 25 -9.83 -7.90 17.91
N PRO G 26 -9.17 -6.74 17.72
CA PRO G 26 -9.80 -5.53 17.18
C PRO G 26 -9.92 -5.39 15.66
N GLU G 27 -9.29 -6.31 14.91
CA GLU G 27 -9.23 -6.17 13.46
C GLU G 27 -10.57 -6.54 12.82
N GLN G 28 -10.82 -5.96 11.64
CA GLN G 28 -12.08 -6.13 10.91
C GLN G 28 -12.35 -7.59 10.55
N THR G 29 -11.27 -8.35 10.37
CA THR G 29 -11.33 -9.72 9.91
C THR G 29 -11.38 -10.70 11.10
N GLN G 30 -11.21 -10.19 12.32
CA GLN G 30 -11.22 -10.98 13.54
C GLN G 30 -12.60 -10.88 14.19
N GLY G 31 -13.02 -11.93 14.88
CA GLY G 31 -14.12 -11.87 15.82
C GLY G 31 -13.70 -11.20 17.13
N ASN G 32 -14.63 -10.49 17.78
CA ASN G 32 -14.35 -9.80 19.03
C ASN G 32 -15.13 -10.38 20.22
N PHE G 33 -15.93 -11.44 20.01
CA PHE G 33 -16.89 -11.92 20.99
C PHE G 33 -16.35 -13.16 21.73
N GLY G 34 -16.33 -13.05 23.08
CA GLY G 34 -16.10 -14.17 23.99
C GLY G 34 -15.03 -13.89 25.04
N ASP G 35 -15.36 -14.17 26.31
CA ASP G 35 -14.38 -14.18 27.39
C ASP G 35 -13.63 -15.52 27.36
N GLN G 36 -12.72 -15.72 28.33
CA GLN G 36 -11.82 -16.86 28.29
C GLN G 36 -12.58 -18.17 28.47
N GLU G 37 -13.61 -18.19 29.34
CA GLU G 37 -14.42 -19.39 29.54
C GLU G 37 -15.14 -19.78 28.25
N LEU G 38 -15.85 -18.84 27.59
CA LEU G 38 -16.55 -19.17 26.35
C LEU G 38 -15.58 -19.58 25.23
N ILE G 39 -14.42 -18.91 25.13
CA ILE G 39 -13.44 -19.27 24.12
C ILE G 39 -13.02 -20.74 24.29
N ARG G 40 -12.77 -21.17 25.55
N ARG G 40 -12.82 -21.18 25.54
CA ARG G 40 -12.34 -22.53 25.83
CA ARG G 40 -12.33 -22.50 25.85
C ARG G 40 -13.42 -23.56 25.49
C ARG G 40 -13.40 -23.57 25.63
N GLN G 41 -14.69 -23.21 25.69
CA GLN G 41 -15.77 -24.18 25.74
C GLN G 41 -16.72 -24.15 24.54
N GLY G 42 -16.84 -23.01 23.85
CA GLY G 42 -17.75 -22.91 22.72
C GLY G 42 -19.18 -23.25 23.11
N THR G 43 -19.82 -24.16 22.36
CA THR G 43 -21.22 -24.51 22.60
C THR G 43 -21.38 -25.33 23.89
N ASP G 44 -20.27 -25.74 24.52
CA ASP G 44 -20.32 -26.41 25.82
C ASP G 44 -20.39 -25.39 26.97
N TYR G 45 -20.32 -24.08 26.68
CA TYR G 45 -20.37 -23.04 27.70
C TYR G 45 -21.71 -23.10 28.42
N LYS G 46 -21.67 -22.86 29.74
CA LYS G 46 -22.82 -23.03 30.61
C LYS G 46 -24.01 -22.18 30.15
N HIS G 47 -23.74 -20.99 29.58
CA HIS G 47 -24.80 -20.06 29.19
C HIS G 47 -24.92 -19.97 27.67
N TRP G 48 -24.49 -21.00 26.93
CA TRP G 48 -24.52 -20.94 25.48
C TRP G 48 -25.95 -20.74 24.97
N PRO G 49 -26.98 -21.49 25.44
CA PRO G 49 -28.36 -21.26 24.98
C PRO G 49 -28.85 -19.81 25.03
N GLN G 50 -28.40 -19.07 26.05
CA GLN G 50 -28.84 -17.69 26.27
C GLN G 50 -28.16 -16.74 25.28
N ILE G 51 -27.02 -17.15 24.73
CA ILE G 51 -26.36 -16.45 23.64
C ILE G 51 -26.98 -16.85 22.30
N ALA G 52 -27.15 -18.16 22.06
CA ALA G 52 -27.61 -18.67 20.78
C ALA G 52 -29.03 -18.22 20.43
N GLN G 53 -29.80 -17.74 21.42
CA GLN G 53 -31.16 -17.26 21.16
C GLN G 53 -31.15 -16.02 20.27
N PHE G 54 -29.99 -15.34 20.19
CA PHE G 54 -29.84 -14.14 19.36
C PHE G 54 -29.22 -14.43 18.00
N ALA G 55 -28.72 -15.65 17.75
CA ALA G 55 -28.14 -16.02 16.46
C ALA G 55 -29.25 -16.26 15.44
N PRO G 56 -29.11 -15.77 14.18
CA PRO G 56 -30.17 -15.90 13.19
C PRO G 56 -30.25 -17.27 12.55
N SER G 57 -31.48 -17.68 12.22
CA SER G 57 -31.72 -18.77 11.29
C SER G 57 -31.12 -18.44 9.93
N ALA G 58 -30.96 -19.42 9.07
CA ALA G 58 -30.43 -19.17 7.73
C ALA G 58 -31.37 -18.22 6.99
N SER G 59 -32.67 -18.45 7.14
CA SER G 59 -33.70 -17.61 6.52
C SER G 59 -33.56 -16.17 6.98
N ALA G 60 -33.40 -15.96 8.29
CA ALA G 60 -33.30 -14.62 8.86
C ALA G 60 -31.96 -13.98 8.53
N PHE G 61 -30.88 -14.76 8.49
CA PHE G 61 -29.59 -14.23 8.08
C PHE G 61 -29.71 -13.53 6.72
N PHE G 62 -30.31 -14.22 5.74
CA PHE G 62 -30.48 -13.67 4.41
C PHE G 62 -31.68 -12.73 4.30
N GLY G 63 -32.58 -12.73 5.28
CA GLY G 63 -33.78 -11.89 5.23
C GLY G 63 -33.63 -10.54 5.93
N MET G 64 -32.86 -10.49 7.01
N MET G 64 -32.85 -10.49 7.02
CA MET G 64 -32.75 -9.32 7.87
CA MET G 64 -32.74 -9.32 7.88
C MET G 64 -31.51 -8.49 7.54
C MET G 64 -31.51 -8.48 7.54
N SER G 65 -30.51 -9.09 6.89
CA SER G 65 -29.19 -8.47 6.74
C SER G 65 -29.12 -7.65 5.46
N ARG G 66 -28.18 -6.69 5.43
CA ARG G 66 -27.68 -6.14 4.18
C ARG G 66 -26.54 -7.02 3.67
N ILE G 67 -26.74 -7.68 2.53
CA ILE G 67 -25.80 -8.58 1.90
C ILE G 67 -25.06 -7.85 0.78
N GLY G 68 -23.76 -8.11 0.67
CA GLY G 68 -22.98 -7.58 -0.43
C GLY G 68 -21.95 -8.60 -0.93
N MET G 69 -21.30 -8.26 -2.04
N MET G 69 -21.34 -8.28 -2.08
CA MET G 69 -20.26 -9.12 -2.62
CA MET G 69 -20.28 -9.09 -2.64
C MET G 69 -19.11 -8.25 -3.09
C MET G 69 -19.13 -8.15 -2.99
N GLU G 70 -17.92 -8.49 -2.52
CA GLU G 70 -16.71 -7.77 -2.87
C GLU G 70 -15.74 -8.72 -3.54
N VAL G 71 -15.31 -8.36 -4.75
CA VAL G 71 -14.32 -9.14 -5.47
C VAL G 71 -13.01 -8.37 -5.44
N THR G 72 -11.99 -8.96 -4.80
CA THR G 72 -10.69 -8.31 -4.64
C THR G 72 -9.62 -9.25 -5.18
N PRO G 73 -8.35 -8.83 -5.34
CA PRO G 73 -7.34 -9.79 -5.77
C PRO G 73 -7.17 -11.02 -4.87
N SER G 74 -7.59 -10.98 -3.59
CA SER G 74 -7.48 -12.11 -2.68
C SER G 74 -8.67 -13.08 -2.80
N GLY G 75 -9.77 -12.69 -3.44
CA GLY G 75 -10.90 -13.59 -3.62
C GLY G 75 -12.25 -12.87 -3.69
N THR G 76 -13.31 -13.68 -3.56
CA THR G 76 -14.69 -13.20 -3.58
C THR G 76 -15.30 -13.36 -2.19
N TRP G 77 -15.82 -12.26 -1.64
CA TRP G 77 -16.27 -12.17 -0.26
C TRP G 77 -17.75 -11.80 -0.20
N LEU G 78 -18.53 -12.61 0.51
CA LEU G 78 -19.92 -12.28 0.83
C LEU G 78 -19.95 -11.50 2.14
N THR G 79 -20.35 -10.22 2.09
CA THR G 79 -20.42 -9.39 3.27
C THR G 79 -21.83 -9.35 3.86
N TYR G 80 -21.92 -9.08 5.17
CA TYR G 80 -23.20 -9.03 5.87
C TYR G 80 -23.13 -8.00 7.02
N THR G 81 -24.24 -7.29 7.24
N THR G 81 -24.22 -7.26 7.20
CA THR G 81 -24.36 -6.40 8.38
CA THR G 81 -24.39 -6.36 8.33
C THR G 81 -25.84 -6.30 8.74
C THR G 81 -25.86 -6.33 8.74
N GLY G 82 -26.11 -6.10 10.02
CA GLY G 82 -27.47 -5.96 10.50
C GLY G 82 -27.52 -5.63 11.99
N ALA G 83 -28.75 -5.62 12.53
CA ALA G 83 -28.95 -5.40 13.94
C ALA G 83 -30.19 -6.14 14.39
N ILE G 84 -30.15 -6.62 15.65
CA ILE G 84 -31.19 -7.43 16.25
C ILE G 84 -31.66 -6.73 17.52
N LYS G 85 -32.98 -6.50 17.64
CA LYS G 85 -33.52 -5.76 18.78
C LYS G 85 -33.69 -6.72 19.96
N LEU G 86 -33.22 -6.29 21.13
CA LEU G 86 -33.54 -7.02 22.36
C LEU G 86 -34.92 -6.59 22.83
N ASP G 87 -35.64 -7.56 23.39
CA ASP G 87 -37.01 -7.39 23.86
C ASP G 87 -36.99 -6.88 25.30
N ASP G 88 -37.29 -5.59 25.46
CA ASP G 88 -37.39 -4.92 26.73
C ASP G 88 -38.46 -5.56 27.65
N LYS G 89 -39.44 -6.27 27.06
CA LYS G 89 -40.52 -6.89 27.82
C LYS G 89 -40.15 -8.28 28.33
N ASP G 90 -38.99 -8.82 27.92
CA ASP G 90 -38.56 -10.13 28.34
C ASP G 90 -38.09 -10.05 29.80
N PRO G 91 -38.59 -10.91 30.72
CA PRO G 91 -38.12 -10.88 32.11
C PRO G 91 -36.62 -11.02 32.28
N ASN G 92 -35.94 -11.66 31.32
CA ASN G 92 -34.50 -11.88 31.39
C ASN G 92 -33.70 -10.79 30.70
N PHE G 93 -34.36 -9.70 30.25
CA PHE G 93 -33.69 -8.66 29.47
C PHE G 93 -32.43 -8.13 30.15
N LYS G 94 -32.51 -7.79 31.45
CA LYS G 94 -31.35 -7.22 32.12
C LYS G 94 -30.18 -8.21 32.09
N ASP G 95 -30.49 -9.49 32.30
CA ASP G 95 -29.48 -10.53 32.35
C ASP G 95 -28.88 -10.73 30.96
N GLN G 96 -29.70 -10.57 29.92
CA GLN G 96 -29.26 -10.78 28.54
C GLN G 96 -28.23 -9.72 28.17
N VAL G 97 -28.52 -8.48 28.55
CA VAL G 97 -27.63 -7.37 28.29
C VAL G 97 -26.30 -7.56 29.03
N ILE G 98 -26.36 -7.99 30.30
CA ILE G 98 -25.14 -8.21 31.06
C ILE G 98 -24.29 -9.31 30.40
N LEU G 99 -24.94 -10.40 30.00
CA LEU G 99 -24.23 -11.54 29.40
C LEU G 99 -23.55 -11.11 28.10
N LEU G 100 -24.28 -10.40 27.24
CA LEU G 100 -23.69 -10.02 25.95
C LEU G 100 -22.53 -9.06 26.17
N ASN G 101 -22.65 -8.14 27.15
CA ASN G 101 -21.62 -7.15 27.37
C ASN G 101 -20.39 -7.81 28.02
N LYS G 102 -20.59 -8.94 28.73
CA LYS G 102 -19.48 -9.65 29.34
C LYS G 102 -18.56 -10.23 28.27
N HIS G 103 -19.13 -10.59 27.11
CA HIS G 103 -18.38 -11.29 26.07
C HIS G 103 -17.88 -10.31 24.99
N ILE G 104 -18.59 -9.20 24.75
CA ILE G 104 -18.14 -8.28 23.71
C ILE G 104 -16.86 -7.60 24.14
N ASP G 105 -15.80 -7.75 23.33
CA ASP G 105 -14.52 -7.10 23.56
C ASP G 105 -13.89 -7.55 24.89
N ALA G 106 -14.25 -8.74 25.38
CA ALA G 106 -13.67 -9.24 26.62
C ALA G 106 -12.16 -9.39 26.53
N TYR G 107 -11.63 -9.68 25.33
CA TYR G 107 -10.21 -9.92 25.11
C TYR G 107 -9.36 -8.72 25.55
N LYS G 108 -9.95 -7.52 25.60
CA LYS G 108 -9.20 -6.32 25.95
C LYS G 108 -8.61 -6.42 27.35
N THR G 109 -9.22 -7.23 28.23
CA THR G 109 -8.77 -7.33 29.61
C THR G 109 -8.27 -8.72 29.98
N PHE G 110 -7.93 -9.57 29.00
CA PHE G 110 -7.36 -10.87 29.31
C PHE G 110 -6.00 -10.71 29.98
N PRO G 111 -5.67 -11.55 30.99
CA PRO G 111 -4.36 -11.52 31.65
C PRO G 111 -3.17 -11.34 30.68
N LYS H 4 -42.66 -15.26 17.34
CA LYS H 4 -41.20 -15.58 17.30
C LYS H 4 -40.39 -14.30 17.09
N PRO H 5 -39.26 -14.12 17.82
CA PRO H 5 -38.34 -13.02 17.54
C PRO H 5 -37.88 -13.07 16.08
N ARG H 6 -37.62 -11.88 15.51
CA ARG H 6 -37.32 -11.77 14.08
C ARG H 6 -36.21 -12.74 13.66
N GLN H 7 -35.14 -12.81 14.45
CA GLN H 7 -33.95 -13.58 14.10
C GLN H 7 -34.19 -15.09 14.05
N LYS H 8 -35.30 -15.59 14.65
CA LYS H 8 -35.58 -17.02 14.64
C LYS H 8 -36.66 -17.43 13.64
N ARG H 9 -37.22 -16.46 12.89
CA ARG H 9 -38.27 -16.77 11.94
C ARG H 9 -37.70 -17.52 10.74
N THR H 10 -38.59 -18.29 10.09
CA THR H 10 -38.29 -19.07 8.90
C THR H 10 -39.32 -18.70 7.85
N ALA H 11 -38.88 -18.10 6.73
CA ALA H 11 -39.79 -17.74 5.65
C ALA H 11 -40.08 -18.99 4.83
N THR H 12 -41.37 -19.15 4.48
CA THR H 12 -41.84 -20.21 3.60
C THR H 12 -42.89 -19.61 2.67
N LYS H 13 -43.43 -20.42 1.75
CA LYS H 13 -44.63 -20.05 1.01
C LYS H 13 -45.78 -19.66 1.94
N ALA H 14 -45.82 -20.15 3.19
CA ALA H 14 -46.94 -19.86 4.09
C ALA H 14 -46.68 -18.61 4.93
N TYR H 15 -45.47 -18.04 4.83
CA TYR H 15 -45.05 -16.91 5.63
C TYR H 15 -43.83 -16.34 4.91
N ASN H 16 -44.06 -15.47 3.93
CA ASN H 16 -43.03 -15.09 2.96
C ASN H 16 -42.04 -14.09 3.58
N VAL H 17 -40.99 -13.79 2.80
CA VAL H 17 -39.88 -12.95 3.28
C VAL H 17 -40.37 -11.56 3.70
N THR H 18 -41.35 -10.99 3.00
CA THR H 18 -41.92 -9.70 3.35
C THR H 18 -42.61 -9.75 4.71
N GLN H 19 -43.45 -10.78 4.91
CA GLN H 19 -44.15 -10.96 6.17
C GLN H 19 -43.17 -11.19 7.34
N ALA H 20 -42.14 -12.00 7.12
CA ALA H 20 -41.22 -12.42 8.16
C ALA H 20 -40.23 -11.30 8.46
N PHE H 21 -39.74 -10.63 7.39
CA PHE H 21 -38.56 -9.79 7.52
C PHE H 21 -38.73 -8.38 6.96
N GLY H 22 -39.94 -8.01 6.51
CA GLY H 22 -40.17 -6.65 6.04
C GLY H 22 -39.85 -6.52 4.54
N ARG H 23 -40.43 -5.51 3.91
CA ARG H 23 -40.14 -5.23 2.52
C ARG H 23 -38.63 -4.98 2.35
N ARG H 24 -38.12 -5.42 1.20
CA ARG H 24 -36.73 -5.17 0.81
C ARG H 24 -36.52 -3.67 0.68
N GLY H 25 -35.36 -3.18 1.11
CA GLY H 25 -35.03 -1.77 0.96
C GLY H 25 -33.59 -1.50 1.41
N PRO H 26 -33.17 -0.23 1.30
CA PRO H 26 -31.78 0.13 1.61
C PRO H 26 -31.46 0.66 3.01
N GLU H 27 -32.45 0.84 3.88
CA GLU H 27 -32.19 1.49 5.16
C GLU H 27 -31.63 0.50 6.20
N GLN H 28 -31.13 1.03 7.32
CA GLN H 28 -30.55 0.18 8.36
C GLN H 28 -31.62 -0.75 8.93
N THR H 29 -31.27 -2.04 9.06
CA THR H 29 -32.12 -3.13 9.52
C THR H 29 -33.16 -3.59 8.49
N GLN H 30 -33.19 -2.93 7.33
CA GLN H 30 -33.93 -3.47 6.20
C GLN H 30 -33.05 -4.47 5.46
N GLY H 31 -33.66 -5.57 5.00
CA GLY H 31 -32.99 -6.53 4.14
C GLY H 31 -32.97 -6.09 2.69
N ASN H 32 -31.88 -6.38 1.97
CA ASN H 32 -31.77 -6.08 0.55
C ASN H 32 -31.75 -7.32 -0.36
N PHE H 33 -31.89 -8.53 0.22
CA PHE H 33 -31.64 -9.77 -0.52
C PHE H 33 -32.97 -10.44 -0.92
N GLY H 34 -33.04 -10.77 -2.22
CA GLY H 34 -34.06 -11.64 -2.78
C GLY H 34 -34.75 -11.04 -3.99
N ASP H 35 -34.89 -11.86 -5.04
CA ASP H 35 -35.72 -11.53 -6.20
C ASP H 35 -37.17 -11.91 -5.89
N GLN H 36 -38.06 -11.69 -6.87
CA GLN H 36 -39.50 -11.89 -6.65
C GLN H 36 -39.83 -13.32 -6.23
N GLU H 37 -39.12 -14.29 -6.82
CA GLU H 37 -39.37 -15.70 -6.55
C GLU H 37 -38.92 -16.07 -5.12
N LEU H 38 -37.70 -15.69 -4.73
CA LEU H 38 -37.27 -15.98 -3.37
C LEU H 38 -38.13 -15.23 -2.35
N ILE H 39 -38.51 -13.98 -2.63
CA ILE H 39 -39.33 -13.26 -1.69
C ILE H 39 -40.62 -14.04 -1.40
N ARG H 40 -41.25 -14.58 -2.45
CA ARG H 40 -42.50 -15.31 -2.27
C ARG H 40 -42.33 -16.65 -1.55
N GLN H 41 -41.19 -17.32 -1.75
CA GLN H 41 -41.07 -18.73 -1.41
C GLN H 41 -40.20 -19.00 -0.20
N GLY H 42 -39.26 -18.08 0.09
CA GLY H 42 -38.41 -18.28 1.25
C GLY H 42 -37.66 -19.61 1.13
N THR H 43 -37.65 -20.37 2.22
CA THR H 43 -36.89 -21.60 2.28
C THR H 43 -37.47 -22.68 1.35
N ASP H 44 -38.64 -22.44 0.75
CA ASP H 44 -39.17 -23.35 -0.26
C ASP H 44 -38.59 -23.06 -1.64
N TYR H 45 -37.77 -22.00 -1.78
CA TYR H 45 -37.18 -21.65 -3.07
C TYR H 45 -36.29 -22.77 -3.62
N LYS H 46 -36.28 -22.94 -4.95
CA LYS H 46 -35.65 -24.08 -5.61
C LYS H 46 -34.16 -24.18 -5.29
N HIS H 47 -33.46 -23.03 -5.20
CA HIS H 47 -32.03 -23.02 -4.94
C HIS H 47 -31.71 -22.60 -3.51
N TRP H 48 -32.65 -22.77 -2.58
CA TRP H 48 -32.42 -22.34 -1.21
C TRP H 48 -31.21 -23.05 -0.62
N PRO H 49 -31.02 -24.37 -0.78
CA PRO H 49 -29.83 -25.00 -0.18
C PRO H 49 -28.51 -24.40 -0.66
N GLN H 50 -28.45 -23.92 -1.90
CA GLN H 50 -27.22 -23.34 -2.44
C GLN H 50 -26.96 -21.92 -1.88
N ILE H 51 -27.98 -21.28 -1.32
CA ILE H 51 -27.85 -20.00 -0.61
C ILE H 51 -27.49 -20.27 0.85
N ALA H 52 -28.21 -21.21 1.48
CA ALA H 52 -28.08 -21.49 2.90
C ALA H 52 -26.70 -22.05 3.25
N GLN H 53 -25.95 -22.58 2.29
CA GLN H 53 -24.60 -23.07 2.54
C GLN H 53 -23.66 -21.95 3.01
N PHE H 54 -24.06 -20.69 2.79
CA PHE H 54 -23.28 -19.53 3.19
C PHE H 54 -23.75 -18.95 4.52
N ALA H 55 -24.90 -19.37 5.05
CA ALA H 55 -25.38 -18.85 6.31
C ALA H 55 -24.61 -19.48 7.47
N PRO H 56 -24.25 -18.69 8.51
CA PRO H 56 -23.49 -19.24 9.64
C PRO H 56 -24.26 -20.01 10.69
N SER H 57 -23.63 -21.07 11.24
CA SER H 57 -24.10 -21.69 12.47
C SER H 57 -24.16 -20.65 13.59
N ALA H 58 -24.91 -20.94 14.65
CA ALA H 58 -24.93 -20.04 15.80
C ALA H 58 -23.50 -19.82 16.33
N SER H 59 -22.71 -20.90 16.41
CA SER H 59 -21.35 -20.82 16.90
C SER H 59 -20.49 -19.91 16.01
N ALA H 60 -20.61 -20.06 14.68
CA ALA H 60 -19.86 -19.26 13.72
C ALA H 60 -20.34 -17.80 13.68
N PHE H 61 -21.64 -17.58 13.85
CA PHE H 61 -22.19 -16.22 13.92
C PHE H 61 -21.46 -15.42 15.01
N PHE H 62 -21.38 -15.99 16.23
CA PHE H 62 -20.74 -15.31 17.35
C PHE H 62 -19.22 -15.47 17.35
N GLY H 63 -18.71 -16.44 16.60
CA GLY H 63 -17.27 -16.64 16.47
C GLY H 63 -16.56 -15.76 15.44
N MET H 64 -17.20 -15.55 14.27
N MET H 64 -17.21 -15.51 14.29
CA MET H 64 -16.61 -14.84 13.15
CA MET H 64 -16.58 -14.82 13.17
C MET H 64 -16.90 -13.34 13.19
C MET H 64 -16.91 -13.32 13.17
N SER H 65 -18.09 -12.93 13.67
CA SER H 65 -18.61 -11.59 13.44
C SER H 65 -17.99 -10.56 14.37
N ARG H 66 -18.03 -9.28 13.94
CA ARG H 66 -17.90 -8.14 14.82
C ARG H 66 -19.26 -7.89 15.49
N ILE H 67 -19.34 -8.05 16.81
CA ILE H 67 -20.55 -7.92 17.60
C ILE H 67 -20.48 -6.63 18.42
N GLY H 68 -21.58 -5.90 18.45
CA GLY H 68 -21.67 -4.66 19.22
C GLY H 68 -23.05 -4.50 19.84
N MET H 69 -23.16 -3.52 20.74
N MET H 69 -23.19 -3.48 20.71
CA MET H 69 -24.43 -3.13 21.32
CA MET H 69 -24.46 -3.17 21.34
C MET H 69 -24.61 -1.63 21.10
C MET H 69 -24.67 -1.66 21.25
N GLU H 70 -25.80 -1.26 20.65
CA GLU H 70 -26.17 0.13 20.38
C GLU H 70 -27.44 0.42 21.17
N VAL H 71 -27.40 1.47 22.01
CA VAL H 71 -28.58 1.88 22.76
C VAL H 71 -29.06 3.22 22.19
N THR H 72 -30.33 3.25 21.79
CA THR H 72 -30.92 4.41 21.12
C THR H 72 -32.31 4.67 21.70
N PRO H 73 -33.03 5.73 21.26
CA PRO H 73 -34.41 5.94 21.73
C PRO H 73 -35.40 4.81 21.47
N SER H 74 -35.11 3.91 20.51
CA SER H 74 -35.98 2.77 20.26
C SER H 74 -35.67 1.56 21.15
N GLY H 75 -34.48 1.53 21.76
CA GLY H 75 -34.12 0.40 22.61
C GLY H 75 -32.66 -0.01 22.47
N THR H 76 -32.40 -1.28 22.82
CA THR H 76 -31.07 -1.88 22.82
C THR H 76 -30.94 -2.86 21.66
N TRP H 77 -29.93 -2.63 20.79
CA TRP H 77 -29.75 -3.42 19.57
C TRP H 77 -28.40 -4.14 19.59
N LEU H 78 -28.40 -5.43 19.25
CA LEU H 78 -27.19 -6.19 19.04
C LEU H 78 -26.79 -6.07 17.56
N THR H 79 -25.65 -5.46 17.30
CA THR H 79 -25.19 -5.23 15.94
C THR H 79 -24.21 -6.33 15.52
N TYR H 80 -24.17 -6.63 14.22
CA TYR H 80 -23.28 -7.64 13.68
C TYR H 80 -22.81 -7.23 12.28
N THR H 81 -21.53 -7.54 11.99
CA THR H 81 -20.95 -7.40 10.67
CA THR H 81 -20.92 -7.36 10.69
C THR H 81 -19.93 -8.51 10.45
N GLY H 82 -19.74 -8.89 9.20
CA GLY H 82 -18.73 -9.89 8.86
C GLY H 82 -18.60 -10.12 7.35
N ALA H 83 -17.70 -11.02 7.00
CA ALA H 83 -17.48 -11.43 5.61
C ALA H 83 -17.11 -12.90 5.59
N ILE H 84 -17.62 -13.56 4.57
CA ILE H 84 -17.45 -14.98 4.32
C ILE H 84 -16.80 -15.16 2.95
N LYS H 85 -15.64 -15.82 2.92
CA LYS H 85 -14.93 -16.06 1.69
C LYS H 85 -15.53 -17.25 0.94
N LEU H 86 -15.84 -17.07 -0.34
CA LEU H 86 -16.23 -18.18 -1.19
C LEU H 86 -14.98 -18.98 -1.56
N ASP H 87 -15.17 -20.30 -1.76
CA ASP H 87 -14.06 -21.21 -2.08
C ASP H 87 -13.88 -21.29 -3.58
N ASP H 88 -12.81 -20.68 -4.11
CA ASP H 88 -12.53 -20.64 -5.53
C ASP H 88 -12.25 -22.05 -6.10
N LYS H 89 -11.91 -23.00 -5.22
CA LYS H 89 -11.60 -24.36 -5.63
C LYS H 89 -12.86 -25.21 -5.76
N ASP H 90 -14.02 -24.69 -5.32
CA ASP H 90 -15.27 -25.40 -5.42
C ASP H 90 -15.67 -25.42 -6.90
N PRO H 91 -15.97 -26.59 -7.52
CA PRO H 91 -16.31 -26.60 -8.95
C PRO H 91 -17.57 -25.79 -9.27
N ASN H 92 -18.38 -25.47 -8.26
CA ASN H 92 -19.60 -24.71 -8.49
C ASN H 92 -19.44 -23.23 -8.11
N PHE H 93 -18.20 -22.78 -7.90
CA PHE H 93 -17.92 -21.40 -7.53
C PHE H 93 -18.62 -20.41 -8.47
N LYS H 94 -18.51 -20.59 -9.79
CA LYS H 94 -19.02 -19.62 -10.75
C LYS H 94 -20.54 -19.51 -10.60
N ASP H 95 -21.21 -20.64 -10.40
CA ASP H 95 -22.67 -20.64 -10.25
C ASP H 95 -23.10 -19.99 -8.93
N GLN H 96 -22.30 -20.17 -7.87
CA GLN H 96 -22.59 -19.60 -6.57
C GLN H 96 -22.57 -18.07 -6.67
N VAL H 97 -21.58 -17.52 -7.37
CA VAL H 97 -21.43 -16.08 -7.51
C VAL H 97 -22.63 -15.53 -8.29
N ILE H 98 -23.01 -16.21 -9.38
CA ILE H 98 -24.15 -15.81 -10.18
C ILE H 98 -25.43 -15.83 -9.34
N LEU H 99 -25.63 -16.87 -8.54
CA LEU H 99 -26.85 -16.99 -7.75
C LEU H 99 -26.94 -15.86 -6.72
N LEU H 100 -25.85 -15.63 -5.97
CA LEU H 100 -25.88 -14.58 -4.96
C LEU H 100 -26.13 -13.22 -5.61
N ASN H 101 -25.47 -12.94 -6.74
CA ASN H 101 -25.63 -11.66 -7.41
C ASN H 101 -27.05 -11.45 -7.94
N LYS H 102 -27.72 -12.54 -8.29
CA LYS H 102 -29.09 -12.47 -8.78
C LYS H 102 -30.05 -11.92 -7.71
N HIS H 103 -29.74 -12.14 -6.44
CA HIS H 103 -30.63 -11.77 -5.33
C HIS H 103 -30.19 -10.47 -4.64
N ILE H 104 -28.90 -10.09 -4.71
CA ILE H 104 -28.46 -8.86 -4.02
C ILE H 104 -29.06 -7.64 -4.71
N ASP H 105 -29.82 -6.82 -3.96
CA ASP H 105 -30.42 -5.60 -4.51
C ASP H 105 -31.33 -5.85 -5.71
N ALA H 106 -31.92 -7.07 -5.82
CA ALA H 106 -32.81 -7.36 -6.94
C ALA H 106 -34.05 -6.45 -6.89
N TYR H 107 -34.48 -6.07 -5.69
CA TYR H 107 -35.70 -5.26 -5.47
C TYR H 107 -35.66 -3.95 -6.28
N LYS H 108 -34.46 -3.45 -6.63
CA LYS H 108 -34.37 -2.17 -7.32
C LYS H 108 -34.99 -2.24 -8.72
N THR H 109 -35.24 -3.45 -9.24
CA THR H 109 -35.65 -3.64 -10.62
C THR H 109 -37.14 -3.98 -10.77
N PHE H 110 -37.90 -4.07 -9.68
CA PHE H 110 -39.30 -4.44 -9.76
C PHE H 110 -40.09 -3.69 -8.68
N PRO H 111 -41.43 -3.55 -8.81
CA PRO H 111 -42.18 -2.87 -7.76
C PRO H 111 -42.03 -3.52 -6.37
C2 A1H88 I . -2.04 2.31 -3.79
C7 A1H88 I . -4.52 3.53 -6.46
C6 A1H88 I . -5.18 2.65 -7.31
C4 A1H88 I . -4.07 0.77 -6.28
C5 A1H88 I . -4.96 1.27 -7.21
N2 A1H88 I . -1.15 2.26 -2.79
C8 A1H88 I . -3.64 3.02 -5.51
C9 A1H88 I . -3.41 1.64 -5.41
O6 A1H88 I . -6.06 3.06 -8.27
S1 A1H88 I . -2.69 3.87 -4.31
N3 A1H88 I . -2.49 1.26 -4.42
S SO4 J . -6.43 -4.59 -2.88
S SO4 J . -5.99 -3.06 -5.37
O1 SO4 J . -7.53 -5.09 -2.13
O1 SO4 J . -6.83 -4.12 -4.90
O2 SO4 J . -5.37 -5.55 -2.88
O2 SO4 J . -4.70 -3.13 -4.73
O3 SO4 J . -6.83 -4.35 -4.24
O3 SO4 J . -5.81 -3.21 -6.78
O4 SO4 J . -5.97 -3.35 -2.32
O4 SO4 J . -6.59 -1.81 -5.13
C1 EDO K . 2.50 8.56 -9.22
O1 EDO K . 2.08 7.54 -8.35
C2 EDO K . 1.44 9.58 -9.44
O2 EDO K . 1.12 10.28 -8.26
C1 EDO L . 23.47 -5.46 7.30
O1 EDO L . 22.28 -4.69 7.18
C2 EDO L . 23.58 -6.39 8.44
O2 EDO L . 23.08 -7.69 8.20
C1 EDO M . 6.62 12.15 -21.28
O1 EDO M . 7.73 11.44 -20.76
C2 EDO M . 6.04 13.14 -20.33
O2 EDO M . 6.73 14.38 -20.28
S SO4 N . 43.43 11.47 -9.71
O1 SO4 N . 43.19 10.08 -9.97
O2 SO4 N . 42.18 12.13 -9.41
O3 SO4 N . 44.03 12.08 -10.86
O4 SO4 N . 44.30 11.60 -8.57
S SO4 O . 44.96 -0.84 -8.28
O1 SO4 O . 44.46 -2.10 -8.75
O2 SO4 O . 44.27 0.23 -8.94
O3 SO4 O . 44.73 -0.73 -6.86
O4 SO4 O . 46.37 -0.76 -8.54
C1 EDO P . -8.57 -22.81 9.27
O1 EDO P . -8.34 -22.52 10.63
C2 EDO P . -8.93 -21.59 8.49
O2 EDO P . -9.73 -21.85 7.35
C1 EDO Q . -41.73 -7.50 -3.36
O1 EDO Q . -41.77 -6.40 -4.26
C2 EDO Q . -42.52 -8.67 -3.83
O2 EDO Q . -42.12 -9.23 -5.07
#